data_1ZUW
#
_entry.id   1ZUW
#
_cell.length_a   134.120
_cell.length_b   60.274
_cell.length_c   125.271
_cell.angle_alpha   90.00
_cell.angle_beta   117.34
_cell.angle_gamma   90.00
#
_symmetry.space_group_name_H-M   'C 1 2 1'
#
loop_
_entity.id
_entity.type
_entity.pdbx_description
1 polymer 'glutamate racemase 1'
2 non-polymer 'D-GLUTAMIC ACID'
3 water water
#
_entity_poly.entity_id   1
_entity_poly.type   'polypeptide(L)'
_entity_poly.pdbx_seq_one_letter_code
;MLEQPIGVIDSGVGGLTVAKEIMRQLPKENIIYVGDTKRCPYGPRPEEEVLQYTWELTNYLLENHHIKMLVIACNTATAI
ALDDIQRSVGIPVVGVIQPGARAAIKVTDNQHIGVIGTENTIKSNAYEEALLALNPDLKVENLACPLLVPFVESGKFLDQ
TADEIVKTSLYPLKDTSIDSLILGCTHYPILKEAIQRYMGEHVNIISSGDETAREVSTILSYKGLLNQSPIAPDHQFLTT
GARDQFAKIADDWFGHEVGHVECISLQEPIKR
;
_entity_poly.pdbx_strand_id   A,B,C
#
# COMPACT_ATOMS: atom_id res chain seq x y z
N MET A 1 18.58 24.14 6.64
CA MET A 1 18.12 22.87 6.03
C MET A 1 16.64 22.58 6.34
N LEU A 2 16.05 23.33 7.26
CA LEU A 2 14.65 23.10 7.65
C LEU A 2 13.69 23.23 6.48
N GLU A 3 13.99 24.11 5.50
CA GLU A 3 13.01 24.22 4.42
C GLU A 3 13.41 23.44 3.15
N GLN A 4 14.41 22.56 3.27
CA GLN A 4 14.71 21.69 2.13
C GLN A 4 13.53 20.76 2.01
N PRO A 5 13.31 20.21 0.82
CA PRO A 5 12.18 19.31 0.65
C PRO A 5 12.42 17.89 1.10
N ILE A 6 11.29 17.21 1.26
CA ILE A 6 11.29 15.80 1.58
C ILE A 6 11.18 15.17 0.19
N GLY A 7 12.05 14.20 -0.10
CA GLY A 7 11.97 13.54 -1.39
C GLY A 7 11.14 12.27 -1.20
N VAL A 8 10.29 11.95 -2.17
CA VAL A 8 9.42 10.77 -2.13
C VAL A 8 9.52 10.08 -3.46
N ILE A 9 9.89 8.81 -3.43
CA ILE A 9 10.02 8.05 -4.66
C ILE A 9 9.03 6.90 -4.71
N ASP A 10 8.60 6.58 -5.93
CA ASP A 10 7.66 5.49 -6.10
C ASP A 10 7.82 4.93 -7.51
N SER A 11 7.22 3.76 -7.75
CA SER A 11 7.29 3.09 -9.04
C SER A 11 6.39 3.80 -10.06
N GLY A 12 5.47 4.62 -9.58
CA GLY A 12 4.58 5.29 -10.51
C GLY A 12 3.69 6.35 -9.91
N VAL A 13 2.39 6.23 -10.14
CA VAL A 13 1.40 7.19 -9.65
C VAL A 13 0.92 6.81 -8.25
N GLY A 14 0.94 5.52 -7.94
CA GLY A 14 0.47 5.03 -6.64
C GLY A 14 0.94 5.82 -5.44
N GLY A 15 2.23 6.16 -5.44
CA GLY A 15 2.84 6.89 -4.33
C GLY A 15 2.17 8.18 -3.92
N LEU A 16 1.27 8.68 -4.77
CA LEU A 16 0.57 9.89 -4.42
C LEU A 16 -0.26 9.64 -3.16
N THR A 17 -0.60 8.38 -2.87
CA THR A 17 -1.40 8.12 -1.66
C THR A 17 -0.54 8.37 -0.41
N VAL A 18 0.78 8.31 -0.56
CA VAL A 18 1.70 8.61 0.53
C VAL A 18 1.99 10.11 0.48
N ALA A 19 2.30 10.67 -0.69
CA ALA A 19 2.56 12.09 -0.73
C ALA A 19 1.40 12.95 -0.24
N LYS A 20 0.15 12.59 -0.59
CA LYS A 20 -0.99 13.38 -0.15
C LYS A 20 -1.12 13.35 1.37
N GLU A 21 -0.69 12.25 1.99
CA GLU A 21 -0.77 12.15 3.44
C GLU A 21 0.32 12.96 4.11
N ILE A 22 1.50 13.07 3.47
CA ILE A 22 2.53 13.88 4.03
C ILE A 22 2.05 15.30 3.90
N MET A 23 1.43 15.63 2.77
CA MET A 23 0.92 17.00 2.58
C MET A 23 -0.16 17.35 3.60
N ARG A 24 -1.01 16.39 3.91
CA ARG A 24 -2.06 16.65 4.88
C ARG A 24 -1.54 16.78 6.33
N GLN A 25 -0.65 15.88 6.74
CA GLN A 25 -0.17 15.86 8.13
C GLN A 25 1.01 16.77 8.41
N LEU A 26 1.71 17.15 7.34
CA LEU A 26 2.85 18.06 7.48
C LEU A 26 2.65 19.12 6.38
N PRO A 27 1.62 19.96 6.53
CA PRO A 27 1.31 21.00 5.54
C PRO A 27 2.35 22.10 5.25
N LYS A 28 3.38 22.20 6.08
CA LYS A 28 4.43 23.18 5.87
C LYS A 28 5.56 22.64 5.02
N GLU A 29 5.60 21.33 4.82
CA GLU A 29 6.75 20.77 4.12
C GLU A 29 6.71 20.84 2.60
N ASN A 30 7.87 21.12 2.02
CA ASN A 30 8.02 21.11 0.57
C ASN A 30 8.29 19.67 0.21
N ILE A 31 7.81 19.24 -0.96
CA ILE A 31 8.00 17.87 -1.41
C ILE A 31 8.49 17.77 -2.85
N ILE A 32 9.38 16.82 -3.09
CA ILE A 32 9.80 16.55 -4.48
C ILE A 32 9.41 15.10 -4.65
N TYR A 33 8.45 14.87 -5.52
CA TYR A 33 7.97 13.49 -5.75
C TYR A 33 8.46 12.96 -7.10
N VAL A 34 9.02 11.74 -7.12
CA VAL A 34 9.44 11.15 -8.40
C VAL A 34 8.78 9.76 -8.54
N GLY A 35 8.04 9.54 -9.62
CA GLY A 35 7.43 8.24 -9.84
C GLY A 35 8.00 7.64 -11.13
N ASP A 36 8.47 6.39 -11.09
CA ASP A 36 9.08 5.72 -12.27
C ASP A 36 8.04 5.01 -13.14
N THR A 37 7.01 5.74 -13.51
CA THR A 37 5.90 5.23 -14.27
C THR A 37 6.32 4.52 -15.55
N LYS A 38 7.40 4.97 -16.17
CA LYS A 38 7.88 4.33 -17.39
C LYS A 38 8.10 2.83 -17.16
N ARG A 39 8.64 2.50 -15.99
CA ARG A 39 8.90 1.11 -15.63
C ARG A 39 7.93 0.45 -14.63
N CYS A 40 6.78 1.07 -14.39
CA CYS A 40 5.79 0.48 -13.48
C CYS A 40 5.14 -0.64 -14.31
N PRO A 41 4.72 -1.76 -13.67
CA PRO A 41 4.77 -2.09 -12.23
C PRO A 41 6.04 -2.77 -11.74
N TYR A 42 6.32 -2.63 -10.45
CA TYR A 42 7.48 -3.26 -9.83
C TYR A 42 7.00 -4.55 -9.17
N GLY A 43 5.70 -4.61 -8.90
CA GLY A 43 5.09 -5.76 -8.25
C GLY A 43 5.47 -7.15 -8.74
N PRO A 44 5.41 -7.38 -10.07
CA PRO A 44 5.75 -8.70 -10.63
C PRO A 44 7.21 -8.83 -11.07
N ARG A 45 7.94 -7.72 -11.13
CA ARG A 45 9.33 -7.70 -11.58
C ARG A 45 10.34 -8.47 -10.75
N PRO A 46 11.49 -8.80 -11.37
CA PRO A 46 12.57 -9.53 -10.69
C PRO A 46 13.17 -8.61 -9.62
N GLU A 47 13.46 -9.19 -8.46
CA GLU A 47 14.00 -8.46 -7.34
C GLU A 47 15.18 -7.55 -7.73
N GLU A 48 16.14 -8.09 -8.48
CA GLU A 48 17.30 -7.32 -8.89
C GLU A 48 16.91 -6.07 -9.68
N GLU A 49 15.85 -6.16 -10.46
CA GLU A 49 15.40 -5.01 -11.23
C GLU A 49 14.88 -3.92 -10.29
N VAL A 50 13.94 -4.30 -9.42
CA VAL A 50 13.38 -3.37 -8.45
C VAL A 50 14.50 -2.64 -7.71
N LEU A 51 15.47 -3.40 -7.18
CA LEU A 51 16.61 -2.82 -6.47
C LEU A 51 17.39 -1.82 -7.31
N GLN A 52 17.57 -2.13 -8.60
CA GLN A 52 18.30 -1.24 -9.48
C GLN A 52 17.53 0.05 -9.75
N TYR A 53 16.25 -0.09 -10.06
CA TYR A 53 15.43 1.08 -10.38
C TYR A 53 15.27 2.00 -9.18
N THR A 54 15.08 1.40 -8.00
CA THR A 54 14.92 2.18 -6.76
C THR A 54 16.17 3.01 -6.52
N TRP A 55 17.34 2.43 -6.78
CA TRP A 55 18.59 3.16 -6.63
C TRP A 55 18.69 4.32 -7.63
N GLU A 56 18.17 4.12 -8.83
CA GLU A 56 18.22 5.18 -9.82
C GLU A 56 17.32 6.33 -9.41
N LEU A 57 16.16 5.99 -8.84
CA LEU A 57 15.23 6.99 -8.35
C LEU A 57 15.93 7.80 -7.24
N THR A 58 16.60 7.07 -6.34
CA THR A 58 17.33 7.65 -5.20
C THR A 58 18.47 8.56 -5.60
N ASN A 59 19.34 8.06 -6.49
CA ASN A 59 20.47 8.88 -6.91
C ASN A 59 20.02 10.07 -7.72
N TYR A 60 18.95 9.92 -8.48
CA TYR A 60 18.44 11.06 -9.23
C TYR A 60 18.12 12.20 -8.26
N LEU A 61 17.40 11.90 -7.17
CA LEU A 61 17.08 12.98 -6.24
C LEU A 61 18.30 13.49 -5.52
N LEU A 62 19.14 12.59 -5.04
CA LEU A 62 20.35 12.99 -4.33
C LEU A 62 21.26 13.89 -5.15
N GLU A 63 21.28 13.67 -6.47
CA GLU A 63 22.15 14.47 -7.30
C GLU A 63 21.57 15.78 -7.85
N ASN A 64 20.26 15.83 -8.04
CA ASN A 64 19.65 17.04 -8.58
C ASN A 64 18.96 17.92 -7.58
N HIS A 65 18.92 17.51 -6.31
CA HIS A 65 18.26 18.32 -5.30
C HIS A 65 18.90 18.14 -3.95
N HIS A 66 18.58 19.04 -3.02
CA HIS A 66 19.09 18.94 -1.65
C HIS A 66 17.86 18.49 -0.85
N ILE A 67 17.72 17.19 -0.63
CA ILE A 67 16.56 16.74 0.15
C ILE A 67 17.07 16.46 1.55
N LYS A 68 16.21 16.71 2.54
CA LYS A 68 16.63 16.48 3.90
C LYS A 68 16.20 15.11 4.42
N MET A 69 15.37 14.42 3.65
CA MET A 69 14.89 13.08 4.01
C MET A 69 14.37 12.42 2.77
N LEU A 70 14.45 11.09 2.72
CA LEU A 70 13.96 10.30 1.60
C LEU A 70 12.88 9.34 2.05
N VAL A 71 11.74 9.36 1.37
CA VAL A 71 10.64 8.44 1.68
C VAL A 71 10.41 7.52 0.51
N ILE A 72 10.53 6.21 0.72
CA ILE A 72 10.25 5.27 -0.35
C ILE A 72 8.78 4.95 -0.20
N ALA A 73 7.94 5.57 -1.01
CA ALA A 73 6.49 5.43 -0.93
C ALA A 73 5.96 4.07 -1.39
N CYS A 74 6.75 3.40 -2.24
CA CYS A 74 6.35 2.12 -2.82
C CYS A 74 6.57 0.98 -1.86
N ASN A 75 5.56 0.13 -1.64
CA ASN A 75 5.73 -0.95 -0.69
C ASN A 75 6.67 -2.02 -1.29
N THR A 76 6.58 -2.21 -2.60
CA THR A 76 7.43 -3.19 -3.28
C THR A 76 8.88 -2.72 -3.20
N ALA A 77 9.15 -1.48 -3.59
CA ALA A 77 10.51 -0.95 -3.52
C ALA A 77 11.04 -0.98 -2.06
N THR A 78 10.16 -0.72 -1.09
CA THR A 78 10.59 -0.75 0.31
C THR A 78 11.02 -2.15 0.74
N ALA A 79 10.15 -3.12 0.45
CA ALA A 79 10.39 -4.51 0.84
C ALA A 79 11.69 -5.02 0.29
N ILE A 80 12.04 -4.57 -0.91
CA ILE A 80 13.26 -5.03 -1.55
C ILE A 80 14.49 -4.15 -1.37
N ALA A 81 14.35 -2.82 -1.42
CA ALA A 81 15.54 -1.95 -1.36
C ALA A 81 15.86 -1.08 -0.15
N LEU A 82 14.94 -0.95 0.82
CA LEU A 82 15.17 -0.07 1.96
C LEU A 82 16.48 -0.27 2.72
N ASP A 83 16.68 -1.48 3.20
CA ASP A 83 17.88 -1.77 3.98
C ASP A 83 19.12 -1.27 3.24
N ASP A 84 19.25 -1.68 1.98
CA ASP A 84 20.39 -1.28 1.16
C ASP A 84 20.58 0.24 1.09
N ILE A 85 19.52 0.93 0.68
CA ILE A 85 19.57 2.40 0.53
C ILE A 85 19.83 3.06 1.88
N GLN A 86 19.07 2.63 2.88
CA GLN A 86 19.19 3.16 4.23
C GLN A 86 20.66 3.06 4.67
N ARG A 87 21.21 1.86 4.51
CA ARG A 87 22.58 1.57 4.90
C ARG A 87 23.64 2.41 4.16
N SER A 88 23.29 2.90 2.97
CA SER A 88 24.24 3.65 2.17
C SER A 88 24.06 5.15 2.07
N VAL A 89 22.85 5.65 2.33
CA VAL A 89 22.57 7.08 2.22
C VAL A 89 22.75 7.82 3.54
N GLY A 90 23.28 9.04 3.46
CA GLY A 90 23.55 9.82 4.65
C GLY A 90 22.34 10.42 5.37
N ILE A 91 21.32 10.79 4.60
CA ILE A 91 20.12 11.41 5.17
C ILE A 91 19.16 10.31 5.65
N PRO A 92 18.18 10.67 6.51
CA PRO A 92 17.24 9.66 6.99
C PRO A 92 16.40 9.12 5.84
N VAL A 93 16.19 7.81 5.81
CA VAL A 93 15.39 7.19 4.78
C VAL A 93 14.23 6.44 5.47
N VAL A 94 13.00 6.72 5.06
CA VAL A 94 11.85 6.05 5.67
C VAL A 94 11.07 5.27 4.62
N GLY A 95 10.77 4.00 4.92
CA GLY A 95 9.99 3.17 4.01
C GLY A 95 8.54 3.08 4.55
N VAL A 96 7.61 2.54 3.77
CA VAL A 96 6.22 2.49 4.21
C VAL A 96 5.78 1.23 4.95
N ILE A 97 6.67 0.26 5.09
CA ILE A 97 6.34 -0.99 5.76
C ILE A 97 6.36 -0.93 7.31
N GLN A 98 7.46 -0.43 7.87
CA GLN A 98 7.59 -0.30 9.33
C GLN A 98 6.44 0.52 9.91
N PRO A 99 6.10 1.69 9.30
CA PRO A 99 5.00 2.48 9.84
C PRO A 99 3.69 1.68 9.90
N GLY A 100 3.42 0.88 8.86
CA GLY A 100 2.18 0.12 8.83
C GLY A 100 2.19 -0.97 9.88
N ALA A 101 3.35 -1.56 10.09
CA ALA A 101 3.49 -2.62 11.10
C ALA A 101 3.25 -2.01 12.48
N ARG A 102 3.86 -0.85 12.73
CA ARG A 102 3.73 -0.17 14.02
C ARG A 102 2.26 0.15 14.29
N ALA A 103 1.56 0.62 13.26
CA ALA A 103 0.17 0.97 13.41
C ALA A 103 -0.63 -0.25 13.73
N ALA A 104 -0.32 -1.36 13.07
CA ALA A 104 -1.09 -2.60 13.31
C ALA A 104 -0.99 -3.06 14.74
N ILE A 105 0.22 -3.04 15.26
CA ILE A 105 0.49 -3.48 16.62
C ILE A 105 -0.28 -2.55 17.57
N LYS A 106 -0.38 -1.29 17.20
CA LYS A 106 -1.08 -0.36 18.06
C LYS A 106 -2.59 -0.64 18.11
N VAL A 107 -3.21 -0.86 16.98
CA VAL A 107 -4.64 -1.05 16.94
C VAL A 107 -5.18 -2.46 17.18
N THR A 108 -4.36 -3.49 17.00
CA THR A 108 -4.91 -4.84 17.18
C THR A 108 -5.29 -5.12 18.62
N ASP A 109 -6.38 -5.86 18.80
CA ASP A 109 -6.84 -6.27 20.12
C ASP A 109 -6.55 -7.76 20.28
N ASN A 110 -6.72 -8.54 19.20
CA ASN A 110 -6.49 -9.97 19.30
C ASN A 110 -5.17 -10.52 18.75
N GLN A 111 -4.28 -9.63 18.29
CA GLN A 111 -2.97 -10.04 17.79
C GLN A 111 -2.98 -10.84 16.50
N HIS A 112 -4.06 -10.75 15.74
CA HIS A 112 -4.17 -11.49 14.50
C HIS A 112 -4.20 -10.42 13.42
N ILE A 113 -3.10 -10.31 12.68
CA ILE A 113 -2.97 -9.27 11.68
C ILE A 113 -2.82 -9.79 10.26
N GLY A 114 -3.56 -9.16 9.33
CA GLY A 114 -3.47 -9.54 7.93
C GLY A 114 -2.69 -8.52 7.12
N VAL A 115 -2.09 -8.99 6.03
CA VAL A 115 -1.31 -8.12 5.15
C VAL A 115 -1.60 -8.46 3.68
N ILE A 116 -2.02 -7.48 2.89
CA ILE A 116 -2.21 -7.69 1.44
C ILE A 116 -1.25 -6.78 0.65
N GLY A 117 -0.73 -7.29 -0.47
CA GLY A 117 0.18 -6.49 -1.26
C GLY A 117 0.56 -7.20 -2.55
N THR A 118 1.53 -6.65 -3.26
CA THR A 118 2.00 -7.25 -4.51
C THR A 118 2.75 -8.56 -4.22
N GLU A 119 2.97 -9.28 -5.30
CA GLU A 119 3.69 -10.55 -5.27
C GLU A 119 5.05 -10.34 -4.60
N ASN A 120 5.82 -9.37 -5.07
CA ASN A 120 7.11 -9.14 -4.48
C ASN A 120 7.04 -8.74 -3.01
N THR A 121 6.09 -7.89 -2.66
CA THR A 121 5.97 -7.46 -1.26
C THR A 121 5.70 -8.65 -0.33
N ILE A 122 4.70 -9.44 -0.69
CA ILE A 122 4.32 -10.59 0.10
C ILE A 122 5.42 -11.65 0.13
N LYS A 123 5.99 -11.96 -1.02
CA LYS A 123 7.04 -12.97 -1.05
C LYS A 123 8.33 -12.56 -0.31
N SER A 124 8.53 -11.27 -0.08
CA SER A 124 9.73 -10.86 0.63
C SER A 124 9.71 -11.17 2.11
N ASN A 125 8.52 -11.47 2.64
CA ASN A 125 8.36 -11.70 4.10
C ASN A 125 8.60 -10.43 4.90
N ALA A 126 8.75 -9.30 4.22
CA ALA A 126 9.07 -8.06 4.91
C ALA A 126 8.09 -7.69 6.03
N TYR A 127 6.79 -7.78 5.80
CA TYR A 127 5.81 -7.42 6.82
C TYR A 127 5.80 -8.33 8.03
N GLU A 128 5.78 -9.63 7.80
CA GLU A 128 5.76 -10.54 8.92
C GLU A 128 7.04 -10.39 9.75
N GLU A 129 8.17 -10.16 9.09
CA GLU A 129 9.43 -9.97 9.81
C GLU A 129 9.40 -8.70 10.68
N ALA A 130 8.93 -7.60 10.09
CA ALA A 130 8.90 -6.34 10.84
C ALA A 130 7.92 -6.45 12.01
N LEU A 131 6.79 -7.12 11.77
CA LEU A 131 5.78 -7.28 12.79
C LEU A 131 6.25 -8.10 13.98
N LEU A 132 6.84 -9.26 13.70
CA LEU A 132 7.32 -10.13 14.77
C LEU A 132 8.58 -9.61 15.46
N ALA A 133 9.36 -8.78 14.79
CA ALA A 133 10.55 -8.20 15.44
C ALA A 133 10.07 -7.36 16.60
N LEU A 134 8.92 -6.71 16.42
CA LEU A 134 8.37 -5.82 17.45
C LEU A 134 7.53 -6.59 18.47
N ASN A 135 6.68 -7.47 17.98
CA ASN A 135 5.79 -8.23 18.85
C ASN A 135 5.80 -9.68 18.39
N PRO A 136 6.65 -10.49 19.04
CA PRO A 136 6.79 -11.90 18.69
C PRO A 136 5.52 -12.73 18.86
N ASP A 137 4.54 -12.23 19.61
CA ASP A 137 3.30 -12.99 19.86
C ASP A 137 2.21 -12.82 18.81
N LEU A 138 2.49 -12.10 17.73
CA LEU A 138 1.49 -11.89 16.71
C LEU A 138 1.36 -13.10 15.78
N LYS A 139 0.20 -13.20 15.16
CA LYS A 139 -0.11 -14.22 14.14
C LYS A 139 -0.45 -13.41 12.90
N VAL A 140 0.36 -13.57 11.86
CA VAL A 140 0.22 -12.79 10.64
C VAL A 140 -0.25 -13.59 9.42
N GLU A 141 -1.22 -13.05 8.69
CA GLU A 141 -1.73 -13.70 7.49
C GLU A 141 -1.31 -12.85 6.31
N ASN A 142 -0.69 -13.47 5.32
CA ASN A 142 -0.21 -12.74 4.15
C ASN A 142 -0.95 -13.16 2.89
N LEU A 143 -1.22 -12.20 2.01
CA LEU A 143 -1.94 -12.50 0.78
C LEU A 143 -1.63 -11.52 -0.34
N ALA A 144 -1.12 -12.02 -1.46
CA ALA A 144 -0.84 -11.15 -2.60
C ALA A 144 -2.15 -11.00 -3.36
N CYS A 145 -2.42 -9.80 -3.86
CA CYS A 145 -3.66 -9.50 -4.59
C CYS A 145 -3.31 -8.80 -5.89
N PRO A 146 -2.76 -9.54 -6.87
CA PRO A 146 -2.35 -8.99 -8.17
C PRO A 146 -3.38 -8.20 -8.97
N LEU A 147 -4.64 -8.56 -8.83
CA LEU A 147 -5.68 -7.87 -9.59
C LEU A 147 -5.94 -6.43 -9.19
N LEU A 148 -5.61 -6.07 -7.96
CA LEU A 148 -5.92 -4.73 -7.49
C LEU A 148 -5.20 -3.54 -8.16
N VAL A 149 -3.91 -3.66 -8.39
CA VAL A 149 -3.17 -2.59 -9.04
C VAL A 149 -3.78 -2.29 -10.42
N PRO A 150 -3.86 -3.29 -11.31
CA PRO A 150 -4.44 -3.06 -12.64
C PRO A 150 -5.84 -2.46 -12.52
N PHE A 151 -6.64 -2.97 -11.59
CA PHE A 151 -8.01 -2.48 -11.42
C PHE A 151 -8.10 -0.99 -11.14
N VAL A 152 -7.33 -0.48 -10.19
CA VAL A 152 -7.45 0.95 -9.89
C VAL A 152 -6.78 1.83 -10.95
N GLU A 153 -6.01 1.23 -11.84
CA GLU A 153 -5.39 1.99 -12.91
C GLU A 153 -6.21 1.87 -14.19
N SER A 154 -7.40 1.27 -14.07
CA SER A 154 -8.29 1.09 -15.20
C SER A 154 -9.41 2.14 -15.28
N GLY A 155 -9.20 3.31 -14.65
CA GLY A 155 -10.22 4.35 -14.70
C GLY A 155 -11.18 4.34 -13.53
N LYS A 156 -12.15 5.24 -13.52
CA LYS A 156 -13.12 5.29 -12.43
C LYS A 156 -13.94 4.01 -12.44
N PHE A 157 -14.56 3.69 -11.31
CA PHE A 157 -15.32 2.46 -11.20
C PHE A 157 -16.49 2.58 -10.25
N LEU A 158 -17.49 1.72 -10.49
CA LEU A 158 -18.71 1.65 -9.70
C LEU A 158 -18.46 0.92 -8.39
N ASP A 159 -19.27 1.23 -7.39
CA ASP A 159 -19.17 0.60 -6.07
C ASP A 159 -19.37 -0.92 -6.16
N GLN A 160 -20.27 -1.36 -7.03
CA GLN A 160 -20.51 -2.78 -7.14
C GLN A 160 -19.36 -3.50 -7.82
N THR A 161 -18.71 -2.82 -8.76
CA THR A 161 -17.58 -3.43 -9.46
C THR A 161 -16.43 -3.60 -8.46
N ALA A 162 -16.14 -2.56 -7.69
CA ALA A 162 -15.07 -2.64 -6.68
C ALA A 162 -15.39 -3.74 -5.67
N ASP A 163 -16.66 -3.83 -5.26
CA ASP A 163 -17.09 -4.86 -4.31
C ASP A 163 -16.73 -6.24 -4.88
N GLU A 164 -17.02 -6.40 -6.17
CA GLU A 164 -16.76 -7.67 -6.83
C GLU A 164 -15.28 -8.05 -6.86
N ILE A 165 -14.44 -7.12 -7.27
CA ILE A 165 -12.99 -7.36 -7.38
C ILE A 165 -12.36 -7.58 -6.00
N VAL A 166 -12.83 -6.84 -5.01
CA VAL A 166 -12.30 -7.00 -3.66
C VAL A 166 -12.64 -8.38 -3.08
N LYS A 167 -13.90 -8.77 -3.20
CA LYS A 167 -14.32 -10.08 -2.69
C LYS A 167 -13.50 -11.16 -3.40
N THR A 168 -13.31 -11.03 -4.71
CA THR A 168 -12.53 -12.02 -5.47
C THR A 168 -11.06 -12.04 -5.05
N SER A 169 -10.53 -10.88 -4.64
CA SER A 169 -9.12 -10.77 -4.24
C SER A 169 -8.86 -11.16 -2.77
N LEU A 170 -9.79 -10.76 -1.90
CA LEU A 170 -9.67 -10.96 -0.47
C LEU A 170 -10.37 -12.14 0.19
N TYR A 171 -11.13 -12.92 -0.57
CA TYR A 171 -11.86 -14.04 0.07
C TYR A 171 -11.09 -14.92 1.04
N PRO A 172 -9.80 -15.24 0.77
CA PRO A 172 -9.07 -16.09 1.73
C PRO A 172 -8.97 -15.48 3.14
N LEU A 173 -8.85 -14.15 3.23
CA LEU A 173 -8.76 -13.48 4.52
C LEU A 173 -10.05 -13.54 5.32
N LYS A 174 -11.17 -13.55 4.61
CA LYS A 174 -12.47 -13.57 5.23
C LYS A 174 -12.68 -14.74 6.20
N ASP A 175 -12.02 -15.86 5.96
CA ASP A 175 -12.13 -17.02 6.82
C ASP A 175 -11.41 -16.87 8.16
N THR A 176 -10.32 -16.11 8.15
CA THR A 176 -9.47 -15.87 9.32
C THR A 176 -10.12 -14.94 10.34
N SER A 177 -9.52 -14.85 11.51
CA SER A 177 -10.07 -13.97 12.54
C SER A 177 -9.25 -12.69 12.72
N ILE A 178 -8.52 -12.27 11.68
CA ILE A 178 -7.73 -11.04 11.79
C ILE A 178 -8.63 -9.88 12.17
N ASP A 179 -8.12 -8.99 13.02
CA ASP A 179 -8.91 -7.84 13.40
C ASP A 179 -8.27 -6.55 12.85
N SER A 180 -7.19 -6.71 12.10
CA SER A 180 -6.48 -5.58 11.50
C SER A 180 -5.93 -6.01 10.14
N LEU A 181 -6.08 -5.14 9.13
CA LEU A 181 -5.58 -5.44 7.80
C LEU A 181 -4.69 -4.30 7.27
N ILE A 182 -3.42 -4.61 7.02
CA ILE A 182 -2.50 -3.61 6.49
C ILE A 182 -2.63 -3.61 4.96
N LEU A 183 -2.91 -2.44 4.38
CA LEU A 183 -3.00 -2.27 2.92
C LEU A 183 -1.53 -2.07 2.49
N GLY A 184 -0.84 -3.17 2.25
CA GLY A 184 0.56 -3.11 1.91
C GLY A 184 0.92 -2.77 0.46
N CYS A 185 0.25 -1.79 -0.11
CA CYS A 185 0.49 -1.37 -1.52
C CYS A 185 -0.06 0.05 -1.70
N THR A 186 0.68 0.91 -2.43
CA THR A 186 0.24 2.29 -2.69
C THR A 186 -1.18 2.48 -3.24
N HIS A 187 -1.62 1.54 -4.05
CA HIS A 187 -2.92 1.60 -4.72
C HIS A 187 -4.11 1.22 -3.87
N TYR A 188 -3.90 0.39 -2.85
CA TYR A 188 -5.07 -0.07 -2.12
C TYR A 188 -5.93 0.96 -1.40
N PRO A 189 -5.35 2.08 -0.96
CA PRO A 189 -6.24 3.03 -0.29
C PRO A 189 -7.39 3.48 -1.20
N ILE A 190 -7.15 3.49 -2.51
CA ILE A 190 -8.18 3.87 -3.49
C ILE A 190 -9.42 2.99 -3.32
N LEU A 191 -9.20 1.78 -2.81
CA LEU A 191 -10.30 0.84 -2.59
C LEU A 191 -10.64 0.68 -1.10
N LYS A 192 -10.19 1.61 -0.26
CA LYS A 192 -10.43 1.51 1.17
C LYS A 192 -11.87 1.25 1.56
N GLU A 193 -12.77 2.03 0.99
CA GLU A 193 -14.17 1.86 1.34
C GLU A 193 -14.71 0.48 0.97
N ALA A 194 -14.37 -0.04 -0.21
CA ALA A 194 -14.87 -1.36 -0.61
C ALA A 194 -14.25 -2.43 0.27
N ILE A 195 -12.98 -2.26 0.62
CA ILE A 195 -12.31 -3.25 1.46
C ILE A 195 -12.96 -3.26 2.85
N GLN A 196 -13.28 -2.07 3.36
CA GLN A 196 -13.93 -2.00 4.67
C GLN A 196 -15.30 -2.66 4.59
N ARG A 197 -16.05 -2.41 3.51
CA ARG A 197 -17.38 -2.98 3.32
C ARG A 197 -17.27 -4.49 3.36
N TYR A 198 -16.35 -5.04 2.57
CA TYR A 198 -16.16 -6.48 2.51
C TYR A 198 -15.63 -7.11 3.82
N MET A 199 -14.60 -6.53 4.43
CA MET A 199 -14.04 -7.10 5.66
C MET A 199 -14.94 -6.96 6.90
N GLY A 200 -15.77 -5.94 6.91
CA GLY A 200 -16.68 -5.75 8.05
C GLY A 200 -16.19 -4.71 9.03
N GLU A 201 -17.08 -4.24 9.89
CA GLU A 201 -16.74 -3.21 10.86
C GLU A 201 -15.85 -3.64 12.02
N HIS A 202 -15.43 -4.91 12.05
CA HIS A 202 -14.59 -5.36 13.13
C HIS A 202 -13.16 -5.58 12.67
N VAL A 203 -12.83 -5.04 11.51
CA VAL A 203 -11.46 -5.14 11.02
C VAL A 203 -10.97 -3.74 10.78
N ASN A 204 -9.86 -3.40 11.42
CA ASN A 204 -9.23 -2.09 11.29
C ASN A 204 -8.47 -2.11 9.97
N ILE A 205 -8.76 -1.17 9.08
CA ILE A 205 -8.05 -1.09 7.78
C ILE A 205 -6.97 -0.03 7.95
N ILE A 206 -5.71 -0.40 7.71
CA ILE A 206 -4.56 0.48 7.91
C ILE A 206 -3.92 0.88 6.57
N SER A 207 -3.88 2.17 6.29
CA SER A 207 -3.30 2.70 5.05
C SER A 207 -1.83 2.99 5.28
N SER A 208 -0.97 2.54 4.36
CA SER A 208 0.45 2.78 4.49
C SER A 208 0.81 4.25 4.47
N GLY A 209 0.11 5.01 3.62
CA GLY A 209 0.40 6.42 3.48
C GLY A 209 0.10 7.19 4.74
N ASP A 210 -1.06 6.91 5.34
CA ASP A 210 -1.44 7.62 6.55
C ASP A 210 -0.41 7.42 7.66
N GLU A 211 0.01 6.18 7.81
CA GLU A 211 0.93 5.79 8.86
C GLU A 211 2.33 6.27 8.60
N THR A 212 2.73 6.27 7.32
CA THR A 212 4.07 6.74 6.97
C THR A 212 4.23 8.24 7.17
N ALA A 213 3.22 9.02 6.81
CA ALA A 213 3.31 10.46 7.03
C ALA A 213 3.49 10.70 8.53
N ARG A 214 2.86 9.85 9.35
CA ARG A 214 3.00 10.07 10.80
C ARG A 214 4.41 9.69 11.27
N GLU A 215 4.94 8.61 10.72
CA GLU A 215 6.30 8.20 11.10
C GLU A 215 7.31 9.30 10.66
N VAL A 216 7.06 9.86 9.50
CA VAL A 216 7.93 10.91 8.98
C VAL A 216 7.89 12.14 9.92
N SER A 217 6.68 12.54 10.31
CA SER A 217 6.52 13.69 11.23
C SER A 217 7.31 13.39 12.55
N THR A 218 7.21 12.17 13.03
CA THR A 218 7.89 11.82 14.28
C THR A 218 9.42 11.99 14.17
N ILE A 219 9.98 11.39 13.12
CA ILE A 219 11.43 11.46 12.89
C ILE A 219 11.93 12.89 12.60
N LEU A 220 11.24 13.64 11.75
CA LEU A 220 11.69 15.02 11.50
C LEU A 220 11.68 15.78 12.76
N SER A 221 10.65 15.55 13.59
CA SER A 221 10.58 16.31 14.82
C SER A 221 11.74 15.90 15.74
N TYR A 222 11.96 14.59 15.88
CA TYR A 222 13.05 14.10 16.75
C TYR A 222 14.39 14.68 16.25
N LYS A 223 14.58 14.78 14.94
CA LYS A 223 15.85 15.31 14.40
C LYS A 223 15.98 16.84 14.34
N GLY A 224 14.90 17.56 14.67
CA GLY A 224 14.96 19.02 14.63
C GLY A 224 15.04 19.45 13.17
N LEU A 225 14.28 18.76 12.33
CA LEU A 225 14.29 19.00 10.88
C LEU A 225 12.97 19.49 10.29
N LEU A 226 12.00 19.81 11.13
CA LEU A 226 10.69 20.23 10.60
C LEU A 226 10.77 21.65 9.98
N ASN A 227 10.12 21.83 8.84
CA ASN A 227 10.04 23.16 8.22
C ASN A 227 9.13 24.02 9.19
N GLN A 228 9.55 25.21 9.58
CA GLN A 228 8.73 26.01 10.52
C GLN A 228 7.99 27.18 9.87
N SER A 229 8.28 27.41 8.60
CA SER A 229 7.62 28.50 7.91
C SER A 229 6.16 28.28 7.57
N PRO A 230 5.31 29.29 7.81
CA PRO A 230 3.89 29.12 7.52
C PRO A 230 3.55 29.44 6.05
N ILE A 231 4.55 29.84 5.27
CA ILE A 231 4.28 30.15 3.87
C ILE A 231 3.98 28.84 3.13
N ALA A 232 3.01 28.91 2.21
CA ALA A 232 2.62 27.75 1.43
C ALA A 232 3.86 27.07 0.78
N PRO A 233 3.96 25.74 0.89
CA PRO A 233 5.08 24.97 0.32
C PRO A 233 4.98 24.83 -1.19
N ASP A 234 6.12 24.57 -1.81
CA ASP A 234 6.15 24.38 -3.24
C ASP A 234 6.44 22.91 -3.41
N HIS A 235 5.76 22.29 -4.36
CA HIS A 235 6.00 20.87 -4.61
C HIS A 235 6.40 20.62 -6.06
N GLN A 236 6.85 19.41 -6.33
CA GLN A 236 7.11 19.03 -7.70
C GLN A 236 6.87 17.55 -7.84
N PHE A 237 6.11 17.20 -8.88
CA PHE A 237 5.85 15.79 -9.16
C PHE A 237 6.51 15.50 -10.49
N LEU A 238 7.36 14.48 -10.49
CA LEU A 238 8.13 14.08 -11.65
C LEU A 238 7.79 12.63 -11.98
N THR A 239 7.75 12.31 -13.28
CA THR A 239 7.46 10.95 -13.69
C THR A 239 8.36 10.59 -14.85
N THR A 240 8.71 9.32 -14.98
CA THR A 240 9.58 8.89 -16.07
C THR A 240 8.71 8.42 -17.24
N GLY A 241 7.39 8.51 -17.06
CA GLY A 241 6.47 8.11 -18.10
C GLY A 241 5.79 9.26 -18.81
N ALA A 242 4.60 9.01 -19.34
CA ALA A 242 3.85 10.04 -20.04
C ALA A 242 3.17 10.98 -19.06
N ARG A 243 3.47 12.26 -19.16
CA ARG A 243 2.88 13.26 -18.29
C ARG A 243 1.36 13.11 -18.31
N ASP A 244 0.81 12.86 -19.50
CA ASP A 244 -0.62 12.72 -19.71
C ASP A 244 -1.34 11.63 -18.92
N GLN A 245 -0.76 10.43 -18.88
CA GLN A 245 -1.39 9.31 -18.18
C GLN A 245 -1.27 9.40 -16.64
N PHE A 246 -0.17 9.98 -16.18
CA PHE A 246 0.08 10.16 -14.75
C PHE A 246 -1.07 11.05 -14.29
N ALA A 247 -1.28 12.14 -15.03
CA ALA A 247 -2.33 13.09 -14.71
C ALA A 247 -3.72 12.47 -14.79
N LYS A 248 -3.92 11.59 -15.77
CA LYS A 248 -5.21 10.94 -15.95
C LYS A 248 -5.55 10.04 -14.77
N ILE A 249 -4.61 9.18 -14.40
CA ILE A 249 -4.83 8.29 -13.28
C ILE A 249 -5.02 9.10 -12.00
N ALA A 250 -4.22 10.13 -11.83
CA ALA A 250 -4.33 10.99 -10.67
C ALA A 250 -5.74 11.55 -10.50
N ASP A 251 -6.32 12.13 -11.55
CA ASP A 251 -7.66 12.69 -11.37
C ASP A 251 -8.71 11.60 -11.22
N ASP A 252 -8.50 10.44 -11.85
CA ASP A 252 -9.47 9.36 -11.70
C ASP A 252 -9.61 9.00 -10.21
N TRP A 253 -8.48 9.04 -9.50
CA TRP A 253 -8.43 8.72 -8.06
C TRP A 253 -8.91 9.87 -7.17
N PHE A 254 -8.50 11.09 -7.51
CA PHE A 254 -8.86 12.27 -6.74
C PHE A 254 -8.78 13.57 -7.55
N HIS A 260 0.57 19.76 -10.70
CA HIS A 260 1.24 19.79 -11.99
C HIS A 260 2.43 18.83 -12.06
N VAL A 261 2.50 18.03 -13.12
CA VAL A 261 3.58 17.06 -13.30
C VAL A 261 4.39 17.27 -14.57
N GLU A 262 5.69 16.99 -14.49
CA GLU A 262 6.57 17.13 -15.63
C GLU A 262 7.32 15.82 -15.82
N CYS A 263 7.67 15.52 -17.07
CA CYS A 263 8.38 14.28 -17.39
C CYS A 263 9.89 14.49 -17.25
N ILE A 264 10.59 13.48 -16.75
CA ILE A 264 12.05 13.57 -16.55
C ILE A 264 12.69 12.23 -16.89
N SER A 265 14.01 12.15 -16.73
CA SER A 265 14.73 10.91 -16.97
C SER A 265 15.95 10.68 -16.10
N LEU A 266 16.26 9.39 -15.90
CA LEU A 266 17.42 8.97 -15.13
C LEU A 266 18.58 8.78 -16.12
N LEU B 2 9.81 -26.54 -48.64
CA LEU B 2 8.51 -26.69 -47.90
C LEU B 2 8.74 -27.14 -46.46
N GLU B 3 9.96 -27.53 -46.14
CA GLU B 3 10.28 -27.97 -44.79
C GLU B 3 10.56 -26.78 -43.87
N GLN B 4 10.70 -25.59 -44.44
CA GLN B 4 10.95 -24.38 -43.65
C GLN B 4 9.83 -24.22 -42.63
N PRO B 5 10.16 -23.71 -41.44
CA PRO B 5 9.18 -23.50 -40.37
C PRO B 5 8.27 -22.29 -40.56
N ILE B 6 7.19 -22.26 -39.81
CA ILE B 6 6.28 -21.14 -39.83
C ILE B 6 6.75 -20.34 -38.64
N GLY B 7 7.00 -19.05 -38.86
CA GLY B 7 7.41 -18.17 -37.78
C GLY B 7 6.18 -17.55 -37.12
N VAL B 8 6.14 -17.60 -35.79
CA VAL B 8 5.04 -17.06 -34.99
C VAL B 8 5.58 -16.14 -33.88
N ILE B 9 5.26 -14.84 -33.97
CA ILE B 9 5.71 -13.87 -32.97
C ILE B 9 4.58 -13.35 -32.05
N ASP B 10 4.90 -13.18 -30.77
CA ASP B 10 3.95 -12.70 -29.77
C ASP B 10 4.65 -11.75 -28.80
N SER B 11 3.88 -11.25 -27.83
CA SER B 11 4.39 -10.34 -26.81
C SER B 11 4.87 -11.12 -25.59
N GLY B 12 4.44 -12.37 -25.47
CA GLY B 12 4.84 -13.17 -24.33
C GLY B 12 4.48 -14.64 -24.41
N VAL B 13 3.79 -15.11 -23.38
CA VAL B 13 3.37 -16.51 -23.30
C VAL B 13 2.00 -16.67 -23.99
N GLY B 14 1.24 -15.58 -24.06
CA GLY B 14 -0.07 -15.61 -24.68
C GLY B 14 -0.12 -16.27 -26.04
N GLY B 15 0.74 -15.83 -26.96
CA GLY B 15 0.81 -16.38 -28.30
C GLY B 15 0.80 -17.90 -28.41
N LEU B 16 1.03 -18.59 -27.30
CA LEU B 16 1.01 -20.05 -27.31
C LEU B 16 -0.37 -20.55 -27.67
N THR B 17 -1.41 -19.80 -27.31
CA THR B 17 -2.78 -20.22 -27.63
C THR B 17 -2.98 -20.20 -29.14
N VAL B 18 -2.01 -19.64 -29.85
CA VAL B 18 -2.08 -19.62 -31.29
C VAL B 18 -1.12 -20.71 -31.79
N ALA B 19 0.11 -20.68 -31.27
CA ALA B 19 1.09 -21.67 -31.68
C ALA B 19 0.56 -23.09 -31.50
N LYS B 20 -0.07 -23.36 -30.36
CA LYS B 20 -0.61 -24.69 -30.11
C LYS B 20 -1.68 -25.09 -31.09
N GLU B 21 -2.40 -24.09 -31.61
CA GLU B 21 -3.46 -24.38 -32.56
C GLU B 21 -2.89 -24.69 -33.92
N ILE B 22 -1.81 -24.00 -34.29
CA ILE B 22 -1.15 -24.30 -35.56
C ILE B 22 -0.58 -25.72 -35.43
N MET B 23 -0.13 -26.07 -34.22
CA MET B 23 0.44 -27.40 -34.00
C MET B 23 -0.61 -28.50 -34.11
N ARG B 24 -1.77 -28.23 -33.54
CA ARG B 24 -2.85 -29.19 -33.53
C ARG B 24 -3.51 -29.34 -34.90
N GLN B 25 -3.60 -28.25 -35.67
CA GLN B 25 -4.25 -28.32 -36.96
C GLN B 25 -3.36 -28.59 -38.14
N LEU B 26 -2.04 -28.37 -37.98
CA LEU B 26 -1.05 -28.57 -39.03
C LEU B 26 0.11 -29.29 -38.35
N PRO B 27 -0.13 -30.50 -37.79
CA PRO B 27 0.90 -31.28 -37.09
C PRO B 27 2.20 -31.60 -37.82
N LYS B 28 2.22 -31.47 -39.15
CA LYS B 28 3.47 -31.76 -39.88
C LYS B 28 4.40 -30.54 -39.97
N GLU B 29 3.88 -29.37 -39.65
CA GLU B 29 4.67 -28.14 -39.77
C GLU B 29 5.67 -27.79 -38.65
N ASN B 30 6.85 -27.35 -39.07
CA ASN B 30 7.90 -26.94 -38.16
C ASN B 30 7.54 -25.52 -37.77
N ILE B 31 7.73 -25.22 -36.50
CA ILE B 31 7.39 -23.91 -35.96
C ILE B 31 8.51 -23.25 -35.14
N ILE B 32 8.69 -21.95 -35.33
CA ILE B 32 9.65 -21.18 -34.53
C ILE B 32 8.84 -20.05 -33.91
N TYR B 33 8.64 -20.12 -32.61
CA TYR B 33 7.88 -19.15 -31.83
C TYR B 33 8.83 -18.18 -31.10
N VAL B 34 8.55 -16.87 -31.21
CA VAL B 34 9.35 -15.82 -30.56
C VAL B 34 8.43 -14.88 -29.76
N GLY B 35 8.43 -15.00 -28.44
CA GLY B 35 7.59 -14.14 -27.62
C GLY B 35 8.42 -13.15 -26.81
N ASP B 36 8.35 -11.88 -27.17
CA ASP B 36 9.11 -10.84 -26.47
C ASP B 36 8.54 -10.54 -25.08
N THR B 37 8.55 -11.55 -24.23
CA THR B 37 8.02 -11.49 -22.87
C THR B 37 8.57 -10.36 -21.99
N LYS B 38 9.79 -9.91 -22.29
CA LYS B 38 10.42 -8.85 -21.52
C LYS B 38 9.59 -7.57 -21.56
N ARG B 39 8.97 -7.29 -22.72
CA ARG B 39 8.15 -6.09 -22.89
C ARG B 39 6.63 -6.30 -22.73
N CYS B 40 6.22 -7.49 -22.33
CA CYS B 40 4.81 -7.80 -22.12
C CYS B 40 4.38 -7.14 -20.81
N PRO B 41 3.14 -6.62 -20.75
CA PRO B 41 2.12 -6.59 -21.78
C PRO B 41 2.19 -5.43 -22.79
N TYR B 42 1.67 -5.67 -24.00
CA TYR B 42 1.63 -4.67 -25.06
C TYR B 42 0.26 -4.01 -25.01
N GLY B 43 -0.68 -4.71 -24.36
CA GLY B 43 -2.04 -4.24 -24.25
C GLY B 43 -2.28 -2.80 -23.82
N PRO B 44 -1.64 -2.35 -22.74
CA PRO B 44 -1.82 -0.98 -22.28
C PRO B 44 -0.72 0.01 -22.65
N ARG B 45 0.24 -0.40 -23.48
CA ARG B 45 1.34 0.49 -23.83
C ARG B 45 1.22 1.31 -25.12
N PRO B 46 1.98 2.42 -25.20
CA PRO B 46 2.02 3.33 -26.34
C PRO B 46 2.06 2.61 -27.68
N GLU B 47 1.18 3.03 -28.58
CA GLU B 47 1.04 2.46 -29.91
C GLU B 47 2.32 2.38 -30.75
N GLU B 48 3.10 3.44 -30.77
CA GLU B 48 4.32 3.40 -31.57
C GLU B 48 5.39 2.55 -30.91
N GLU B 49 5.19 2.19 -29.65
CA GLU B 49 6.14 1.32 -28.96
C GLU B 49 5.92 -0.12 -29.45
N VAL B 50 4.66 -0.57 -29.39
CA VAL B 50 4.31 -1.91 -29.83
C VAL B 50 4.69 -2.09 -31.30
N LEU B 51 4.63 -1.02 -32.08
CA LEU B 51 4.98 -1.07 -33.49
C LEU B 51 6.48 -1.34 -33.69
N GLN B 52 7.29 -0.77 -32.81
CA GLN B 52 8.74 -0.94 -32.85
C GLN B 52 9.17 -2.34 -32.39
N TYR B 53 8.54 -2.82 -31.33
CA TYR B 53 8.85 -4.15 -30.77
C TYR B 53 8.41 -5.28 -31.69
N THR B 54 7.31 -5.07 -32.40
CA THR B 54 6.77 -6.07 -33.32
C THR B 54 7.71 -6.20 -34.52
N TRP B 55 8.26 -5.08 -34.95
CA TRP B 55 9.19 -5.05 -36.06
C TRP B 55 10.49 -5.72 -35.65
N GLU B 56 10.84 -5.56 -34.37
CA GLU B 56 12.07 -6.16 -33.85
C GLU B 56 11.91 -7.67 -33.93
N LEU B 57 10.84 -8.17 -33.31
CA LEU B 57 10.54 -9.59 -33.30
C LEU B 57 10.62 -10.11 -34.74
N THR B 58 9.92 -9.42 -35.63
CA THR B 58 9.89 -9.80 -37.04
C THR B 58 11.29 -9.94 -37.63
N ASN B 59 12.03 -8.84 -37.65
CA ASN B 59 13.38 -8.82 -38.20
C ASN B 59 14.26 -9.92 -37.61
N TYR B 60 14.04 -10.24 -36.35
CA TYR B 60 14.81 -11.29 -35.70
C TYR B 60 14.71 -12.57 -36.52
N LEU B 61 13.49 -13.13 -36.60
CA LEU B 61 13.23 -14.33 -37.36
C LEU B 61 13.63 -14.15 -38.81
N LEU B 62 13.44 -12.95 -39.32
CA LEU B 62 13.79 -12.66 -40.70
C LEU B 62 15.28 -12.71 -40.95
N GLU B 63 16.07 -12.53 -39.90
CA GLU B 63 17.52 -12.53 -40.05
C GLU B 63 18.29 -13.58 -39.23
N ASN B 64 17.59 -14.59 -38.72
CA ASN B 64 18.24 -15.65 -37.95
C ASN B 64 17.75 -17.03 -38.38
N HIS B 65 16.60 -17.07 -39.03
CA HIS B 65 16.01 -18.34 -39.47
C HIS B 65 15.47 -18.15 -40.88
N HIS B 66 14.90 -19.21 -41.45
CA HIS B 66 14.37 -19.13 -42.80
C HIS B 66 12.92 -19.57 -42.85
N ILE B 67 12.02 -18.69 -42.40
CA ILE B 67 10.59 -18.99 -42.37
C ILE B 67 9.88 -18.79 -43.70
N LYS B 68 8.91 -19.65 -43.99
CA LYS B 68 8.15 -19.56 -45.23
C LYS B 68 6.89 -18.72 -45.06
N MET B 69 6.55 -18.44 -43.81
CA MET B 69 5.36 -17.66 -43.47
C MET B 69 5.52 -17.03 -42.09
N LEU B 70 4.90 -15.86 -41.90
CA LEU B 70 4.98 -15.19 -40.61
C LEU B 70 3.59 -14.95 -40.04
N VAL B 71 3.36 -15.45 -38.82
CA VAL B 71 2.09 -15.30 -38.13
C VAL B 71 2.24 -14.40 -36.91
N ILE B 72 1.45 -13.34 -36.81
CA ILE B 72 1.52 -12.49 -35.63
C ILE B 72 0.41 -12.95 -34.70
N ALA B 73 0.77 -13.66 -33.64
CA ALA B 73 -0.21 -14.21 -32.71
C ALA B 73 -0.84 -13.23 -31.74
N CYS B 74 -0.18 -12.09 -31.52
CA CYS B 74 -0.70 -11.08 -30.59
C CYS B 74 -1.78 -10.24 -31.24
N ASN B 75 -2.96 -10.21 -30.65
CA ASN B 75 -4.05 -9.43 -31.22
C ASN B 75 -3.65 -7.95 -31.22
N THR B 76 -2.91 -7.54 -30.19
CA THR B 76 -2.45 -6.16 -30.06
C THR B 76 -1.41 -5.81 -31.12
N ALA B 77 -0.36 -6.63 -31.24
CA ALA B 77 0.65 -6.35 -32.25
C ALA B 77 0.03 -6.38 -33.65
N THR B 78 -0.99 -7.21 -33.85
CA THR B 78 -1.63 -7.29 -35.16
C THR B 78 -2.43 -6.02 -35.46
N ALA B 79 -3.27 -5.64 -34.49
CA ALA B 79 -4.14 -4.47 -34.63
C ALA B 79 -3.34 -3.25 -35.04
N ILE B 80 -2.11 -3.16 -34.55
CA ILE B 80 -1.28 -2.01 -34.84
C ILE B 80 -0.21 -2.21 -35.91
N ALA B 81 0.47 -3.35 -35.89
CA ALA B 81 1.56 -3.62 -36.83
C ALA B 81 1.31 -4.42 -38.11
N LEU B 82 0.26 -5.23 -38.15
CA LEU B 82 0.01 -6.05 -39.34
C LEU B 82 0.23 -5.33 -40.67
N ASP B 83 -0.65 -4.37 -40.97
CA ASP B 83 -0.59 -3.64 -42.23
C ASP B 83 0.83 -3.25 -42.64
N ASP B 84 1.55 -2.62 -41.71
CA ASP B 84 2.92 -2.16 -41.92
C ASP B 84 3.85 -3.27 -42.37
N ILE B 85 4.01 -4.27 -41.50
CA ILE B 85 4.87 -5.42 -41.77
C ILE B 85 4.52 -6.16 -43.05
N GLN B 86 3.22 -6.39 -43.27
CA GLN B 86 2.76 -7.10 -44.45
C GLN B 86 3.34 -6.55 -45.73
N ARG B 87 2.97 -5.31 -46.06
CA ARG B 87 3.44 -4.70 -47.29
C ARG B 87 4.97 -4.64 -47.41
N SER B 88 5.66 -4.77 -46.28
CA SER B 88 7.12 -4.75 -46.26
C SER B 88 7.77 -6.10 -46.59
N VAL B 89 7.47 -7.11 -45.77
CA VAL B 89 8.04 -8.46 -45.91
C VAL B 89 7.59 -9.20 -47.18
N GLY B 90 8.49 -10.01 -47.74
CA GLY B 90 8.21 -10.74 -48.96
C GLY B 90 7.52 -12.10 -48.86
N ILE B 91 7.39 -12.63 -47.66
CA ILE B 91 6.72 -13.91 -47.49
C ILE B 91 5.29 -13.66 -47.00
N PRO B 92 4.45 -14.70 -46.98
CA PRO B 92 3.08 -14.47 -46.50
C PRO B 92 3.10 -14.12 -45.03
N VAL B 93 2.26 -13.17 -44.64
CA VAL B 93 2.17 -12.73 -43.25
C VAL B 93 0.69 -12.78 -42.85
N VAL B 94 0.41 -13.41 -41.72
CA VAL B 94 -0.95 -13.60 -41.25
C VAL B 94 -1.14 -13.07 -39.83
N GLY B 95 -2.19 -12.27 -39.62
CA GLY B 95 -2.47 -11.74 -38.29
C GLY B 95 -3.65 -12.48 -37.66
N VAL B 96 -3.88 -12.31 -36.37
CA VAL B 96 -4.99 -13.00 -35.72
C VAL B 96 -6.33 -12.27 -35.80
N ILE B 97 -6.41 -11.13 -36.50
CA ILE B 97 -7.69 -10.41 -36.53
C ILE B 97 -8.61 -10.77 -37.69
N GLN B 98 -8.11 -10.74 -38.92
CA GLN B 98 -8.93 -11.10 -40.07
C GLN B 98 -9.56 -12.49 -39.87
N PRO B 99 -8.78 -13.47 -39.38
CA PRO B 99 -9.39 -14.79 -39.19
C PRO B 99 -10.57 -14.86 -38.22
N GLY B 100 -10.48 -14.12 -37.10
CA GLY B 100 -11.60 -14.15 -36.15
C GLY B 100 -12.81 -13.44 -36.74
N ALA B 101 -12.58 -12.39 -37.54
CA ALA B 101 -13.68 -11.64 -38.18
C ALA B 101 -14.40 -12.56 -39.16
N ARG B 102 -13.59 -13.21 -40.00
CA ARG B 102 -14.08 -14.17 -40.99
C ARG B 102 -14.90 -15.27 -40.30
N ALA B 103 -14.40 -15.80 -39.20
CA ALA B 103 -15.09 -16.83 -38.45
C ALA B 103 -16.44 -16.34 -37.92
N ALA B 104 -16.45 -15.12 -37.36
CA ALA B 104 -17.66 -14.53 -36.82
C ALA B 104 -18.72 -14.36 -37.91
N ILE B 105 -18.30 -13.89 -39.08
CA ILE B 105 -19.22 -13.70 -40.18
C ILE B 105 -19.83 -15.05 -40.58
N LYS B 106 -19.05 -16.11 -40.43
CA LYS B 106 -19.55 -17.43 -40.79
C LYS B 106 -20.61 -17.91 -39.80
N VAL B 107 -20.28 -17.88 -38.52
CA VAL B 107 -21.21 -18.40 -37.52
C VAL B 107 -22.36 -17.50 -37.07
N THR B 108 -22.29 -16.20 -37.33
CA THR B 108 -23.39 -15.39 -36.84
C THR B 108 -24.71 -15.67 -37.58
N ASP B 109 -25.79 -15.67 -36.82
CA ASP B 109 -27.13 -15.88 -37.36
C ASP B 109 -27.81 -14.51 -37.48
N ASN B 110 -27.74 -13.72 -36.40
CA ASN B 110 -28.38 -12.40 -36.34
C ASN B 110 -27.52 -11.19 -36.70
N GLN B 111 -26.28 -11.44 -37.11
CA GLN B 111 -25.34 -10.38 -37.51
C GLN B 111 -24.99 -9.34 -36.44
N HIS B 112 -25.12 -9.75 -35.18
CA HIS B 112 -24.79 -8.90 -34.02
C HIS B 112 -23.58 -9.58 -33.40
N ILE B 113 -22.41 -8.97 -33.57
CA ILE B 113 -21.12 -9.51 -33.13
C ILE B 113 -20.42 -8.70 -32.04
N GLY B 114 -19.95 -9.38 -31.00
CA GLY B 114 -19.22 -8.71 -29.95
C GLY B 114 -17.75 -9.00 -30.07
N VAL B 115 -16.91 -8.05 -29.63
CA VAL B 115 -15.45 -8.22 -29.62
C VAL B 115 -14.87 -7.74 -28.29
N ILE B 116 -14.05 -8.56 -27.65
CA ILE B 116 -13.36 -8.14 -26.42
C ILE B 116 -11.86 -8.25 -26.63
N GLY B 117 -11.09 -7.41 -25.95
CA GLY B 117 -9.65 -7.42 -26.09
C GLY B 117 -9.03 -6.35 -25.22
N THR B 118 -7.75 -6.08 -25.42
CA THR B 118 -7.07 -5.06 -24.64
C THR B 118 -7.49 -3.66 -25.08
N GLU B 119 -7.11 -2.67 -24.27
CA GLU B 119 -7.43 -1.29 -24.59
C GLU B 119 -6.93 -0.93 -25.99
N ASN B 120 -5.67 -1.26 -26.28
CA ASN B 120 -5.08 -0.95 -27.58
C ASN B 120 -5.85 -1.59 -28.75
N THR B 121 -6.19 -2.87 -28.60
CA THR B 121 -6.91 -3.60 -29.66
C THR B 121 -8.26 -2.94 -29.97
N ILE B 122 -9.04 -2.76 -28.92
CA ILE B 122 -10.35 -2.16 -29.06
C ILE B 122 -10.30 -0.73 -29.61
N LYS B 123 -9.38 0.07 -29.10
CA LYS B 123 -9.27 1.45 -29.56
C LYS B 123 -8.86 1.57 -31.03
N SER B 124 -8.10 0.60 -31.53
CA SER B 124 -7.67 0.64 -32.92
C SER B 124 -8.80 0.48 -33.93
N ASN B 125 -9.94 0.02 -33.45
CA ASN B 125 -11.09 -0.26 -34.31
C ASN B 125 -10.80 -1.39 -35.31
N ALA B 126 -9.63 -2.03 -35.21
CA ALA B 126 -9.25 -3.09 -36.16
C ALA B 126 -10.34 -4.14 -36.42
N TYR B 127 -10.94 -4.70 -35.38
CA TYR B 127 -11.99 -5.71 -35.62
C TYR B 127 -13.22 -5.17 -36.36
N GLU B 128 -13.77 -4.07 -35.89
CA GLU B 128 -14.95 -3.56 -36.55
C GLU B 128 -14.63 -3.18 -38.00
N GLU B 129 -13.45 -2.63 -38.26
CA GLU B 129 -13.10 -2.30 -39.64
C GLU B 129 -13.00 -3.59 -40.48
N ALA B 130 -12.44 -4.63 -39.90
CA ALA B 130 -12.25 -5.89 -40.62
C ALA B 130 -13.57 -6.56 -40.95
N LEU B 131 -14.46 -6.59 -39.97
CA LEU B 131 -15.79 -7.18 -40.14
C LEU B 131 -16.68 -6.46 -41.15
N LEU B 132 -16.70 -5.13 -41.09
CA LEU B 132 -17.55 -4.37 -41.98
C LEU B 132 -17.01 -4.30 -43.38
N ALA B 133 -15.70 -4.40 -43.52
CA ALA B 133 -15.10 -4.40 -44.85
C ALA B 133 -15.62 -5.64 -45.60
N LEU B 134 -15.92 -6.72 -44.87
CA LEU B 134 -16.41 -7.98 -45.47
C LEU B 134 -17.93 -8.04 -45.62
N ASN B 135 -18.62 -7.74 -44.52
CA ASN B 135 -20.07 -7.75 -44.47
C ASN B 135 -20.50 -6.42 -43.85
N PRO B 136 -20.85 -5.43 -44.69
CA PRO B 136 -21.25 -4.10 -44.27
C PRO B 136 -22.53 -4.03 -43.43
N ASP B 137 -23.25 -5.13 -43.33
CA ASP B 137 -24.50 -5.08 -42.60
C ASP B 137 -24.43 -5.48 -41.14
N LEU B 138 -23.25 -5.87 -40.68
CA LEU B 138 -23.10 -6.29 -39.30
C LEU B 138 -23.24 -5.17 -38.26
N LYS B 139 -23.66 -5.55 -37.05
CA LYS B 139 -23.79 -4.63 -35.91
C LYS B 139 -22.70 -5.13 -34.94
N VAL B 140 -21.70 -4.30 -34.64
CA VAL B 140 -20.57 -4.70 -33.77
C VAL B 140 -20.49 -3.99 -32.44
N GLU B 141 -20.28 -4.77 -31.38
CA GLU B 141 -20.15 -4.25 -30.03
C GLU B 141 -18.71 -4.50 -29.59
N ASN B 142 -18.03 -3.45 -29.14
CA ASN B 142 -16.63 -3.54 -28.70
C ASN B 142 -16.48 -3.32 -27.20
N LEU B 143 -15.59 -4.09 -26.57
CA LEU B 143 -15.40 -3.94 -25.14
C LEU B 143 -14.00 -4.33 -24.71
N ALA B 144 -13.37 -3.44 -23.96
CA ALA B 144 -12.03 -3.70 -23.46
C ALA B 144 -12.17 -4.31 -22.07
N CYS B 145 -11.31 -5.29 -21.77
CA CYS B 145 -11.36 -6.04 -20.50
C CYS B 145 -9.95 -6.13 -19.94
N PRO B 146 -9.43 -5.01 -19.40
CA PRO B 146 -8.09 -4.93 -18.83
C PRO B 146 -7.70 -5.88 -17.69
N LEU B 147 -8.67 -6.50 -17.04
CA LEU B 147 -8.37 -7.40 -15.93
C LEU B 147 -8.05 -8.83 -16.36
N LEU B 148 -8.53 -9.20 -17.53
CA LEU B 148 -8.33 -10.58 -17.96
C LEU B 148 -6.88 -11.01 -18.14
N VAL B 149 -6.07 -10.22 -18.84
CA VAL B 149 -4.67 -10.57 -19.06
C VAL B 149 -3.96 -10.80 -17.73
N PRO B 150 -4.06 -9.82 -16.81
CA PRO B 150 -3.42 -9.93 -15.49
C PRO B 150 -3.91 -11.18 -14.75
N PHE B 151 -5.21 -11.38 -14.78
CA PHE B 151 -5.84 -12.51 -14.11
C PHE B 151 -5.28 -13.84 -14.60
N VAL B 152 -5.22 -14.00 -15.91
CA VAL B 152 -4.73 -15.24 -16.49
C VAL B 152 -3.27 -15.53 -16.15
N GLU B 153 -2.49 -14.48 -15.87
CA GLU B 153 -1.09 -14.70 -15.52
C GLU B 153 -0.89 -14.72 -14.02
N SER B 154 -1.97 -14.95 -13.27
CA SER B 154 -1.90 -14.96 -11.80
C SER B 154 -1.80 -16.35 -11.20
N GLY B 155 -1.53 -17.36 -12.03
CA GLY B 155 -1.45 -18.71 -11.53
C GLY B 155 -2.82 -19.36 -11.58
N LYS B 156 -2.84 -20.69 -11.52
CA LYS B 156 -4.09 -21.45 -11.56
C LYS B 156 -5.21 -20.81 -10.77
N PHE B 157 -6.42 -20.95 -11.28
CA PHE B 157 -7.60 -20.36 -10.63
C PHE B 157 -8.76 -21.33 -10.55
N LEU B 158 -9.61 -21.12 -9.55
CA LEU B 158 -10.77 -21.96 -9.35
C LEU B 158 -11.77 -21.58 -10.44
N ASP B 159 -12.86 -22.33 -10.53
CA ASP B 159 -13.92 -22.09 -11.50
C ASP B 159 -14.74 -20.89 -11.08
N GLN B 160 -15.05 -20.84 -9.79
CA GLN B 160 -15.84 -19.75 -9.24
C GLN B 160 -15.12 -18.41 -9.41
N THR B 161 -13.81 -18.41 -9.19
CA THR B 161 -13.03 -17.19 -9.34
C THR B 161 -13.13 -16.69 -10.79
N ALA B 162 -12.92 -17.61 -11.72
CA ALA B 162 -13.00 -17.30 -13.14
C ALA B 162 -14.35 -16.69 -13.45
N ASP B 163 -15.41 -17.25 -12.88
CA ASP B 163 -16.75 -16.74 -13.11
C ASP B 163 -16.82 -15.29 -12.67
N GLU B 164 -16.42 -15.04 -11.42
CA GLU B 164 -16.45 -13.68 -10.88
C GLU B 164 -15.72 -12.67 -11.76
N ILE B 165 -14.47 -12.96 -12.12
CA ILE B 165 -13.70 -12.03 -12.94
C ILE B 165 -14.31 -11.83 -14.32
N VAL B 166 -14.87 -12.89 -14.89
CA VAL B 166 -15.50 -12.81 -16.19
C VAL B 166 -16.76 -11.94 -16.14
N LYS B 167 -17.63 -12.18 -15.17
CA LYS B 167 -18.83 -11.38 -15.07
C LYS B 167 -18.52 -9.90 -14.81
N THR B 168 -17.53 -9.67 -13.96
CA THR B 168 -17.13 -8.31 -13.64
C THR B 168 -16.62 -7.63 -14.89
N SER B 169 -15.97 -8.42 -15.75
CA SER B 169 -15.38 -7.90 -16.98
C SER B 169 -16.34 -7.78 -18.17
N LEU B 170 -17.22 -8.76 -18.32
CA LEU B 170 -18.10 -8.81 -19.47
C LEU B 170 -19.54 -8.34 -19.33
N TYR B 171 -19.97 -7.94 -18.13
CA TYR B 171 -21.37 -7.54 -17.96
C TYR B 171 -21.95 -6.53 -18.98
N PRO B 172 -21.17 -5.55 -19.47
CA PRO B 172 -21.77 -4.62 -20.44
C PRO B 172 -22.37 -5.33 -21.67
N LEU B 173 -21.79 -6.46 -22.03
CA LEU B 173 -22.24 -7.24 -23.19
C LEU B 173 -23.44 -8.14 -22.92
N LYS B 174 -23.64 -8.52 -21.66
CA LYS B 174 -24.73 -9.41 -21.30
C LYS B 174 -26.10 -8.78 -21.57
N ASP B 175 -26.11 -7.48 -21.84
CA ASP B 175 -27.35 -6.76 -22.12
C ASP B 175 -27.69 -6.91 -23.60
N THR B 176 -26.67 -6.74 -24.43
CA THR B 176 -26.79 -6.84 -25.87
C THR B 176 -27.33 -8.19 -26.32
N SER B 177 -27.72 -8.26 -27.59
CA SER B 177 -28.23 -9.49 -28.17
C SER B 177 -27.22 -10.08 -29.16
N ILE B 178 -25.93 -9.86 -28.91
CA ILE B 178 -24.92 -10.44 -29.80
C ILE B 178 -25.11 -11.95 -29.72
N ASP B 179 -24.80 -12.65 -30.82
CA ASP B 179 -24.92 -14.10 -30.83
C ASP B 179 -23.55 -14.72 -31.06
N SER B 180 -22.54 -13.86 -31.20
CA SER B 180 -21.15 -14.26 -31.43
C SER B 180 -20.20 -13.33 -30.68
N LEU B 181 -19.17 -13.90 -30.05
CA LEU B 181 -18.20 -13.10 -29.31
C LEU B 181 -16.79 -13.45 -29.73
N ILE B 182 -16.07 -12.46 -30.24
CA ILE B 182 -14.69 -12.72 -30.64
C ILE B 182 -13.75 -12.50 -29.47
N LEU B 183 -13.01 -13.54 -29.07
CA LEU B 183 -12.03 -13.40 -27.99
C LEU B 183 -10.84 -12.75 -28.66
N GLY B 184 -10.84 -11.42 -28.71
CA GLY B 184 -9.76 -10.73 -29.39
C GLY B 184 -8.47 -10.49 -28.62
N CYS B 185 -7.96 -11.51 -27.93
CA CYS B 185 -6.71 -11.37 -27.19
C CYS B 185 -6.17 -12.78 -27.01
N THR B 186 -4.86 -12.95 -27.14
CA THR B 186 -4.21 -14.27 -26.96
C THR B 186 -4.54 -14.97 -25.65
N HIS B 187 -4.79 -14.19 -24.60
CA HIS B 187 -5.06 -14.76 -23.28
C HIS B 187 -6.44 -15.26 -22.99
N TYR B 188 -7.43 -14.79 -23.74
CA TYR B 188 -8.78 -15.19 -23.42
C TYR B 188 -9.18 -16.65 -23.57
N PRO B 189 -8.52 -17.38 -24.49
CA PRO B 189 -8.91 -18.79 -24.62
C PRO B 189 -8.79 -19.54 -23.29
N ILE B 190 -7.89 -19.09 -22.43
CA ILE B 190 -7.70 -19.75 -21.12
C ILE B 190 -8.96 -19.63 -20.31
N LEU B 191 -9.77 -18.62 -20.63
CA LEU B 191 -11.01 -18.37 -19.91
C LEU B 191 -12.24 -18.75 -20.72
N LYS B 192 -12.03 -19.42 -21.85
CA LYS B 192 -13.13 -19.81 -22.71
C LYS B 192 -14.33 -20.44 -22.01
N GLU B 193 -14.08 -21.47 -21.22
CA GLU B 193 -15.17 -22.13 -20.54
C GLU B 193 -15.99 -21.18 -19.68
N ALA B 194 -15.29 -20.34 -18.93
CA ALA B 194 -15.96 -19.37 -18.06
C ALA B 194 -16.73 -18.34 -18.89
N ILE B 195 -16.15 -17.87 -19.97
CA ILE B 195 -16.82 -16.90 -20.82
C ILE B 195 -18.08 -17.54 -21.44
N GLN B 196 -17.93 -18.76 -21.93
CA GLN B 196 -19.06 -19.48 -22.53
C GLN B 196 -20.17 -19.67 -21.49
N ARG B 197 -19.76 -20.01 -20.28
CA ARG B 197 -20.68 -20.25 -19.18
C ARG B 197 -21.44 -18.96 -18.80
N TYR B 198 -20.76 -17.82 -18.89
CA TYR B 198 -21.39 -16.53 -18.56
C TYR B 198 -22.27 -16.00 -19.69
N MET B 199 -21.74 -16.05 -20.91
CA MET B 199 -22.45 -15.56 -22.08
C MET B 199 -23.63 -16.42 -22.45
N GLY B 200 -23.57 -17.69 -22.11
CA GLY B 200 -24.68 -18.57 -22.42
C GLY B 200 -24.50 -19.49 -23.62
N GLU B 201 -25.48 -20.36 -23.81
CA GLU B 201 -25.49 -21.32 -24.89
C GLU B 201 -25.80 -20.73 -26.26
N HIS B 202 -26.44 -19.57 -26.29
CA HIS B 202 -26.80 -18.96 -27.55
C HIS B 202 -25.81 -17.93 -28.08
N VAL B 203 -24.58 -17.99 -27.58
CA VAL B 203 -23.53 -17.10 -28.02
C VAL B 203 -22.33 -17.94 -28.45
N ASN B 204 -21.92 -17.81 -29.70
CA ASN B 204 -20.79 -18.55 -30.17
C ASN B 204 -19.48 -17.89 -29.74
N ILE B 205 -18.64 -18.62 -29.02
CA ILE B 205 -17.36 -18.06 -28.58
C ILE B 205 -16.26 -18.47 -29.54
N ILE B 206 -15.63 -17.46 -30.12
CA ILE B 206 -14.60 -17.62 -31.12
C ILE B 206 -13.17 -17.31 -30.65
N SER B 207 -12.30 -18.32 -30.66
CA SER B 207 -10.91 -18.14 -30.25
C SER B 207 -10.05 -17.73 -31.44
N SER B 208 -9.21 -16.72 -31.24
CA SER B 208 -8.36 -16.22 -32.31
C SER B 208 -7.34 -17.25 -32.82
N GLY B 209 -6.81 -18.04 -31.91
CA GLY B 209 -5.83 -19.04 -32.29
C GLY B 209 -6.41 -20.10 -33.20
N ASP B 210 -7.55 -20.66 -32.81
CA ASP B 210 -8.21 -21.68 -33.61
C ASP B 210 -8.49 -21.18 -35.02
N GLU B 211 -8.98 -19.95 -35.12
CA GLU B 211 -9.34 -19.45 -36.44
C GLU B 211 -8.16 -19.09 -37.26
N THR B 212 -7.11 -18.61 -36.59
CA THR B 212 -5.91 -18.21 -37.30
C THR B 212 -5.17 -19.42 -37.85
N ALA B 213 -5.18 -20.51 -37.09
CA ALA B 213 -4.49 -21.74 -37.54
C ALA B 213 -5.17 -22.24 -38.82
N ARG B 214 -6.51 -22.18 -38.81
CA ARG B 214 -7.28 -22.57 -40.00
C ARG B 214 -6.95 -21.65 -41.18
N GLU B 215 -6.84 -20.35 -40.91
CA GLU B 215 -6.50 -19.42 -41.99
C GLU B 215 -5.10 -19.73 -42.54
N VAL B 216 -4.14 -20.03 -41.66
CA VAL B 216 -2.78 -20.37 -42.10
C VAL B 216 -2.82 -21.60 -43.02
N SER B 217 -3.57 -22.60 -42.59
CA SER B 217 -3.74 -23.85 -43.35
C SER B 217 -4.26 -23.54 -44.76
N THR B 218 -5.29 -22.72 -44.85
CA THR B 218 -5.85 -22.33 -46.14
C THR B 218 -4.82 -21.67 -47.04
N ILE B 219 -4.12 -20.67 -46.50
CA ILE B 219 -3.13 -19.94 -47.29
C ILE B 219 -1.97 -20.85 -47.70
N LEU B 220 -1.39 -21.59 -46.76
CA LEU B 220 -0.28 -22.47 -47.08
C LEU B 220 -0.70 -23.44 -48.20
N SER B 221 -1.91 -23.96 -48.08
CA SER B 221 -2.43 -24.91 -49.06
C SER B 221 -2.59 -24.26 -50.42
N TYR B 222 -3.28 -23.11 -50.47
CA TYR B 222 -3.49 -22.42 -51.74
C TYR B 222 -2.15 -22.05 -52.38
N LYS B 223 -1.18 -21.64 -51.57
CA LYS B 223 0.11 -21.27 -52.13
C LYS B 223 1.01 -22.47 -52.35
N GLY B 224 0.51 -23.64 -52.01
CA GLY B 224 1.28 -24.86 -52.17
C GLY B 224 2.56 -24.81 -51.36
N LEU B 225 2.44 -24.46 -50.09
CA LEU B 225 3.62 -24.38 -49.24
C LEU B 225 3.51 -25.29 -48.03
N LEU B 226 2.64 -26.29 -48.12
CA LEU B 226 2.48 -27.21 -47.01
C LEU B 226 3.64 -28.19 -46.91
N ASN B 227 4.09 -28.41 -45.68
CA ASN B 227 5.15 -29.39 -45.40
C ASN B 227 4.40 -30.74 -45.38
N GLN B 228 4.67 -31.57 -46.37
CA GLN B 228 3.99 -32.85 -46.51
C GLN B 228 4.64 -34.04 -45.83
N SER B 229 5.87 -33.87 -45.36
CA SER B 229 6.56 -34.98 -44.71
C SER B 229 5.90 -35.35 -43.39
N PRO B 230 5.79 -36.66 -43.13
CA PRO B 230 5.18 -37.14 -41.90
C PRO B 230 6.15 -37.15 -40.71
N ILE B 231 7.42 -36.86 -40.93
CA ILE B 231 8.32 -36.90 -39.77
C ILE B 231 7.89 -35.89 -38.71
N ALA B 232 8.24 -36.15 -37.46
CA ALA B 232 7.87 -35.27 -36.35
C ALA B 232 8.56 -33.92 -36.54
N PRO B 233 7.78 -32.83 -36.41
CA PRO B 233 8.35 -31.51 -36.59
C PRO B 233 9.20 -30.99 -35.44
N ASP B 234 9.91 -29.90 -35.69
CA ASP B 234 10.71 -29.26 -34.66
C ASP B 234 9.91 -28.04 -34.20
N HIS B 235 9.97 -27.75 -32.91
CA HIS B 235 9.29 -26.59 -32.34
C HIS B 235 10.27 -25.78 -31.49
N GLN B 236 10.56 -24.55 -31.90
CA GLN B 236 11.44 -23.70 -31.10
C GLN B 236 10.65 -22.59 -30.45
N PHE B 237 10.66 -22.57 -29.12
CA PHE B 237 9.97 -21.54 -28.36
C PHE B 237 10.98 -20.59 -27.74
N LEU B 238 11.10 -19.41 -28.33
CA LEU B 238 12.05 -18.41 -27.85
C LEU B 238 11.33 -17.30 -27.06
N THR B 239 11.99 -16.81 -26.01
CA THR B 239 11.43 -15.74 -25.16
C THR B 239 12.52 -14.71 -24.84
N THR B 240 12.10 -13.52 -24.39
CA THR B 240 13.07 -12.49 -24.02
C THR B 240 13.11 -12.37 -22.49
N GLY B 241 12.13 -12.95 -21.81
CA GLY B 241 12.09 -12.91 -20.36
C GLY B 241 12.82 -14.11 -19.77
N ALA B 242 12.68 -14.33 -18.47
CA ALA B 242 13.33 -15.46 -17.82
C ALA B 242 12.54 -16.73 -18.11
N ARG B 243 12.60 -17.70 -17.22
CA ARG B 243 11.86 -18.94 -17.38
C ARG B 243 10.75 -19.01 -16.34
N PHE B 246 8.05 -17.81 -18.12
CA PHE B 246 7.46 -18.25 -19.38
C PHE B 246 6.85 -19.64 -19.19
N ALA B 247 7.58 -20.52 -18.51
CA ALA B 247 7.12 -21.88 -18.26
C ALA B 247 6.28 -21.97 -17.00
N ILE B 249 4.05 -19.93 -16.24
CA ILE B 249 2.74 -19.55 -16.78
C ILE B 249 2.23 -20.62 -17.75
N ALA B 250 3.13 -21.09 -18.60
CA ALA B 250 2.80 -22.12 -19.58
C ALA B 250 2.30 -23.37 -18.88
N ASP B 251 2.81 -23.64 -17.68
CA ASP B 251 2.39 -24.81 -16.94
C ASP B 251 1.06 -24.54 -16.25
N ASP B 252 0.82 -23.27 -15.91
CA ASP B 252 -0.45 -22.90 -15.29
C ASP B 252 -1.55 -23.15 -16.31
N TRP B 253 -1.32 -22.69 -17.54
CA TRP B 253 -2.28 -22.84 -18.63
C TRP B 253 -2.37 -24.30 -19.06
N PHE B 254 -1.21 -24.91 -19.29
CA PHE B 254 -1.14 -26.31 -19.71
C PHE B 254 0.26 -26.88 -19.46
N VAL B 261 12.47 -24.30 -24.83
CA VAL B 261 12.12 -22.99 -24.27
C VAL B 261 13.38 -22.21 -23.89
N GLU B 262 13.95 -21.44 -24.82
CA GLU B 262 15.18 -20.70 -24.50
C GLU B 262 15.12 -19.19 -24.65
N CYS B 263 16.00 -18.51 -23.93
CA CYS B 263 16.07 -17.05 -23.95
C CYS B 263 17.00 -16.53 -25.03
N ILE B 264 16.63 -15.40 -25.62
CA ILE B 264 17.42 -14.77 -26.67
C ILE B 264 17.25 -13.26 -26.54
N SER B 265 17.81 -12.51 -27.47
CA SER B 265 17.71 -11.07 -27.43
C SER B 265 17.57 -10.47 -28.83
N LEU B 266 16.51 -9.70 -29.01
CA LEU B 266 16.22 -9.05 -30.29
C LEU B 266 17.21 -7.95 -30.64
N LEU C 2 21.55 -2.43 24.41
CA LEU C 2 20.18 -2.54 23.81
C LEU C 2 19.24 -3.20 24.80
N GLU C 3 19.82 -3.88 25.78
CA GLU C 3 19.05 -4.57 26.81
C GLU C 3 18.67 -3.64 27.96
N GLN C 4 19.22 -2.43 27.95
CA GLN C 4 18.91 -1.46 29.00
C GLN C 4 17.42 -1.17 28.95
N PRO C 5 16.83 -0.86 30.12
CA PRO C 5 15.40 -0.57 30.17
C PRO C 5 15.03 0.81 29.69
N ILE C 6 13.73 0.98 29.44
CA ILE C 6 13.17 2.28 29.11
C ILE C 6 12.76 2.74 30.50
N GLY C 7 13.14 3.99 30.89
CA GLY C 7 12.73 4.52 32.18
C GLY C 7 11.46 5.34 31.92
N VAL C 8 10.48 5.27 32.83
CA VAL C 8 9.22 5.99 32.68
C VAL C 8 8.96 6.65 34.04
N ILE C 9 8.76 7.97 34.04
CA ILE C 9 8.50 8.69 35.29
C ILE C 9 7.14 9.36 35.24
N ASP C 10 6.53 9.48 36.43
CA ASP C 10 5.19 10.05 36.51
C ASP C 10 4.98 10.58 37.92
N SER C 11 3.93 11.39 38.11
CA SER C 11 3.71 11.91 39.43
C SER C 11 3.10 10.84 40.35
N GLY C 12 2.71 9.69 39.83
CA GLY C 12 2.10 8.69 40.71
C GLY C 12 1.70 7.41 40.03
N VAL C 13 0.43 6.99 40.17
CA VAL C 13 0.02 5.75 39.55
C VAL C 13 -0.60 5.99 38.19
N GLY C 14 -0.97 7.24 37.89
CA GLY C 14 -1.64 7.41 36.61
C GLY C 14 -0.78 7.02 35.41
N GLY C 15 0.53 7.16 35.54
CA GLY C 15 1.44 6.88 34.42
C GLY C 15 1.41 5.46 33.97
N LEU C 16 0.80 4.57 34.78
CA LEU C 16 0.67 3.18 34.31
C LEU C 16 -0.12 3.09 32.99
N THR C 17 -0.96 4.09 32.67
CA THR C 17 -1.71 4.07 31.42
C THR C 17 -0.75 4.23 30.25
N VAL C 18 0.43 4.76 30.54
CA VAL C 18 1.49 4.94 29.51
C VAL C 18 2.40 3.66 29.55
N ALA C 19 2.81 3.26 30.75
CA ALA C 19 3.66 2.07 30.86
C ALA C 19 2.98 0.84 30.27
N LYS C 20 1.68 0.67 30.53
CA LYS C 20 0.99 -0.52 30.00
C LYS C 20 0.94 -0.54 28.48
N GLU C 21 0.86 0.64 27.86
CA GLU C 21 0.88 0.71 26.39
C GLU C 21 2.27 0.43 25.81
N ILE C 22 3.33 0.83 26.52
CA ILE C 22 4.70 0.53 26.06
C ILE C 22 4.84 -0.99 26.15
N MET C 23 4.35 -1.56 27.25
CA MET C 23 4.48 -3.00 27.41
C MET C 23 3.70 -3.72 26.34
N ARG C 24 2.56 -3.18 25.92
CA ARG C 24 1.74 -3.85 24.93
C ARG C 24 2.32 -3.74 23.51
N GLN C 25 2.83 -2.56 23.18
CA GLN C 25 3.35 -2.31 21.83
C GLN C 25 4.84 -2.67 21.60
N LEU C 26 5.60 -2.80 22.70
CA LEU C 26 7.04 -3.13 22.68
C LEU C 26 7.25 -4.18 23.80
N PRO C 27 6.63 -5.34 23.64
CA PRO C 27 6.72 -6.43 24.62
C PRO C 27 8.10 -6.97 24.96
N LYS C 28 9.12 -6.69 24.15
CA LYS C 28 10.47 -7.17 24.47
C LYS C 28 11.22 -6.25 25.41
N GLU C 29 10.71 -5.04 25.57
CA GLU C 29 11.44 -4.04 26.32
C GLU C 29 11.36 -4.13 27.84
N ASN C 30 12.52 -3.96 28.48
CA ASN C 30 12.58 -3.95 29.95
C ASN C 30 12.10 -2.53 30.33
N ILE C 31 11.44 -2.41 31.47
CA ILE C 31 10.94 -1.10 31.91
C ILE C 31 11.20 -0.80 33.38
N ILE C 32 11.61 0.44 33.70
CA ILE C 32 11.72 0.80 35.11
C ILE C 32 10.80 2.02 35.22
N TYR C 33 9.76 1.93 36.04
CA TYR C 33 8.78 3.00 36.22
C TYR C 33 8.94 3.57 37.61
N VAL C 34 8.93 4.90 37.72
CA VAL C 34 9.01 5.54 39.02
C VAL C 34 7.86 6.56 39.08
N GLY C 35 6.97 6.38 40.06
CA GLY C 35 5.82 7.30 40.22
C GLY C 35 5.98 7.98 41.58
N ASP C 36 5.91 9.30 41.60
CA ASP C 36 6.09 10.08 42.80
C ASP C 36 4.80 10.21 43.59
N THR C 37 4.16 9.08 43.83
CA THR C 37 2.87 9.11 44.51
C THR C 37 2.85 9.90 45.81
N LYS C 38 3.96 9.93 46.54
CA LYS C 38 4.01 10.68 47.78
C LYS C 38 3.67 12.18 47.60
N ARG C 39 4.04 12.78 46.46
CA ARG C 39 3.76 14.20 46.22
C ARG C 39 2.75 14.46 45.12
N CYS C 40 2.08 13.41 44.69
CA CYS C 40 1.04 13.55 43.66
C CYS C 40 -0.05 14.35 44.39
N PRO C 41 -0.78 15.25 43.69
CA PRO C 41 -0.74 15.60 42.27
C PRO C 41 0.18 16.76 41.95
N TYR C 42 0.61 16.76 40.68
CA TYR C 42 1.42 17.83 40.19
C TYR C 42 0.54 18.87 39.43
N GLY C 43 -0.63 18.43 38.99
CA GLY C 43 -1.52 19.28 38.19
C GLY C 43 -1.75 20.69 38.69
N PRO C 44 -1.99 20.86 40.00
CA PRO C 44 -2.23 22.23 40.46
C PRO C 44 -1.09 22.94 41.19
N ARG C 45 0.08 22.32 41.24
CA ARG C 45 1.21 22.89 41.96
C ARG C 45 1.92 24.02 41.22
N PRO C 46 2.66 24.89 41.96
CA PRO C 46 3.40 25.98 41.30
C PRO C 46 4.36 25.29 40.32
N GLU C 47 4.62 25.93 39.20
CA GLU C 47 5.46 25.35 38.17
C GLU C 47 6.85 24.96 38.63
N GLU C 48 7.44 25.80 39.48
CA GLU C 48 8.78 25.54 39.99
C GLU C 48 8.84 24.21 40.77
N GLU C 49 7.79 23.88 41.53
CA GLU C 49 7.77 22.61 42.26
C GLU C 49 7.71 21.44 41.28
N VAL C 50 6.91 21.57 40.23
CA VAL C 50 6.81 20.48 39.27
C VAL C 50 8.20 20.25 38.61
N LEU C 51 8.86 21.34 38.28
CA LEU C 51 10.20 21.25 37.67
C LEU C 51 11.16 20.60 38.69
N GLN C 52 11.11 21.04 39.95
CA GLN C 52 11.99 20.42 40.97
C GLN C 52 11.70 18.93 41.11
N TYR C 53 10.43 18.59 41.30
CA TYR C 53 10.11 17.18 41.51
C TYR C 53 10.46 16.29 40.34
N THR C 54 10.22 16.79 39.13
CA THR C 54 10.48 16.00 37.96
C THR C 54 11.98 15.76 37.82
N TRP C 55 12.79 16.76 38.18
CA TRP C 55 14.25 16.62 38.11
C TRP C 55 14.68 15.58 39.15
N GLU C 56 14.06 15.60 40.32
CA GLU C 56 14.44 14.58 41.34
C GLU C 56 14.11 13.17 40.86
N LEU C 57 12.96 12.99 40.19
CA LEU C 57 12.62 11.66 39.68
C LEU C 57 13.61 11.23 38.62
N THR C 58 13.92 12.17 37.74
CA THR C 58 14.82 11.88 36.65
C THR C 58 16.21 11.50 37.19
N ASN C 59 16.71 12.33 38.07
CA ASN C 59 18.04 12.10 38.66
C ASN C 59 18.06 10.75 39.34
N TYR C 60 17.04 10.46 40.14
CA TYR C 60 16.99 9.19 40.85
C TYR C 60 17.14 8.03 39.91
N LEU C 61 16.34 8.06 38.87
CA LEU C 61 16.35 7.01 37.90
C LEU C 61 17.68 6.93 37.16
N LEU C 62 18.20 8.06 36.67
CA LEU C 62 19.47 8.03 35.94
C LEU C 62 20.67 7.63 36.78
N GLU C 63 20.68 8.00 38.05
CA GLU C 63 21.84 7.65 38.87
C GLU C 63 21.78 6.22 39.41
N ASN C 64 20.59 5.64 39.51
CA ASN C 64 20.47 4.30 40.07
C ASN C 64 20.29 3.19 39.09
N HIS C 65 20.04 3.53 37.83
CA HIS C 65 19.77 2.56 36.80
C HIS C 65 20.40 3.07 35.51
N HIS C 66 20.70 2.16 34.59
CA HIS C 66 21.26 2.53 33.30
C HIS C 66 20.12 2.40 32.29
N ILE C 67 19.41 3.49 32.05
CA ILE C 67 18.29 3.43 31.12
C ILE C 67 18.73 4.00 29.79
N LYS C 68 18.14 3.50 28.72
CA LYS C 68 18.56 3.99 27.38
C LYS C 68 17.64 5.08 26.81
N MET C 69 16.49 5.29 27.45
CA MET C 69 15.52 6.33 27.01
C MET C 69 14.67 6.69 28.20
N LEU C 70 14.27 7.97 28.30
CA LEU C 70 13.43 8.37 29.43
C LEU C 70 12.10 8.79 28.82
N VAL C 71 11.00 8.28 29.37
CA VAL C 71 9.68 8.67 28.88
C VAL C 71 9.05 9.42 30.05
N ILE C 72 8.59 10.67 29.83
CA ILE C 72 7.90 11.41 30.90
C ILE C 72 6.41 11.08 30.66
N ALA C 73 5.89 10.15 31.45
CA ALA C 73 4.53 9.70 31.25
C ALA C 73 3.48 10.69 31.69
N CYS C 74 3.92 11.60 32.56
CA CYS C 74 3.01 12.61 33.14
C CYS C 74 2.86 13.80 32.18
N ASN C 75 1.61 14.10 31.80
CA ASN C 75 1.37 15.25 30.88
C ASN C 75 1.70 16.54 31.59
N THR C 76 1.48 16.63 32.92
CA THR C 76 1.82 17.87 33.61
C THR C 76 3.37 18.11 33.67
N ALA C 77 4.12 17.09 34.05
CA ALA C 77 5.59 17.21 34.11
C ALA C 77 6.09 17.44 32.71
N THR C 78 5.47 16.78 31.70
CA THR C 78 5.95 16.98 30.32
C THR C 78 5.73 18.46 29.95
N ALA C 79 4.54 18.97 30.26
CA ALA C 79 4.25 20.38 29.93
C ALA C 79 5.16 21.41 30.56
N ILE C 80 5.52 21.19 31.83
CA ILE C 80 6.33 22.14 32.54
C ILE C 80 7.84 21.87 32.43
N ALA C 81 8.21 20.59 32.32
CA ALA C 81 9.63 20.24 32.44
C ALA C 81 10.36 19.56 31.29
N LEU C 82 9.63 19.10 30.29
CA LEU C 82 10.28 18.37 29.22
C LEU C 82 11.45 19.09 28.58
N ASP C 83 11.23 20.35 28.24
CA ASP C 83 12.32 21.06 27.57
C ASP C 83 13.57 21.09 28.43
N ASP C 84 13.39 21.43 29.70
CA ASP C 84 14.54 21.53 30.60
C ASP C 84 15.23 20.16 30.79
N ILE C 85 14.46 19.10 30.95
CA ILE C 85 15.07 17.74 31.11
C ILE C 85 15.81 17.27 29.86
N GLN C 86 15.14 17.42 28.73
CA GLN C 86 15.66 17.02 27.44
C GLN C 86 17.03 17.73 27.19
N ARG C 87 17.10 19.01 27.50
CA ARG C 87 18.33 19.81 27.30
C ARG C 87 19.51 19.29 28.11
N SER C 88 19.24 18.80 29.32
CA SER C 88 20.35 18.37 30.18
C SER C 88 20.61 16.88 30.36
N VAL C 89 19.73 16.04 29.83
CA VAL C 89 19.91 14.59 29.94
C VAL C 89 20.46 14.12 28.58
N GLY C 90 21.47 13.24 28.60
CA GLY C 90 22.04 12.78 27.34
C GLY C 90 21.29 11.76 26.50
N ILE C 91 20.45 10.94 27.13
CA ILE C 91 19.71 9.95 26.39
C ILE C 91 18.42 10.62 25.81
N PRO C 92 17.78 9.97 24.84
CA PRO C 92 16.55 10.47 24.20
C PRO C 92 15.50 10.62 25.31
N VAL C 93 14.74 11.71 25.27
CA VAL C 93 13.67 11.88 26.27
C VAL C 93 12.37 12.06 25.45
N VAL C 94 11.30 11.33 25.78
CA VAL C 94 10.08 11.45 25.00
C VAL C 94 8.97 11.81 26.00
N GLY C 95 8.18 12.85 25.72
CA GLY C 95 7.09 13.22 26.63
C GLY C 95 5.79 12.79 25.95
N VAL C 96 4.67 12.95 26.68
CA VAL C 96 3.41 12.48 26.15
C VAL C 96 2.58 13.48 25.37
N ILE C 97 3.06 14.70 25.28
CA ILE C 97 2.30 15.71 24.57
C ILE C 97 2.47 15.66 23.07
N GLN C 98 3.70 15.64 22.58
CA GLN C 98 3.85 15.61 21.13
C GLN C 98 3.20 14.43 20.43
N PRO C 99 3.28 13.21 21.02
CA PRO C 99 2.64 12.06 20.38
C PRO C 99 1.11 12.24 20.24
N GLY C 100 0.47 12.84 21.26
CA GLY C 100 -0.96 13.07 21.19
C GLY C 100 -1.27 14.16 20.13
N ALA C 101 -0.49 15.24 20.09
CA ALA C 101 -0.68 16.27 19.06
C ALA C 101 -0.55 15.67 17.67
N ARG C 102 0.47 14.85 17.47
CA ARG C 102 0.71 14.23 16.15
C ARG C 102 -0.44 13.29 15.73
N ALA C 103 -0.98 12.55 16.71
CA ALA C 103 -2.08 11.67 16.45
C ALA C 103 -3.36 12.46 16.10
N ALA C 104 -3.55 13.60 16.74
CA ALA C 104 -4.76 14.38 16.47
C ALA C 104 -4.70 14.95 15.06
N ILE C 105 -3.51 15.39 14.67
CA ILE C 105 -3.35 15.90 13.30
C ILE C 105 -3.67 14.78 12.30
N LYS C 106 -3.32 13.55 12.63
CA LYS C 106 -3.63 12.48 11.73
C LYS C 106 -5.11 12.14 11.61
N VAL C 107 -5.81 12.13 12.75
CA VAL C 107 -7.22 11.76 12.68
C VAL C 107 -8.22 12.87 12.39
N THR C 108 -7.85 14.12 12.62
CA THR C 108 -8.80 15.22 12.36
C THR C 108 -9.14 15.41 10.89
N ASP C 109 -10.41 15.71 10.64
CA ASP C 109 -10.87 16.00 9.28
C ASP C 109 -11.20 17.48 9.22
N ASN C 110 -11.72 18.05 10.31
CA ASN C 110 -12.09 19.47 10.25
C ASN C 110 -11.11 20.46 10.86
N GLN C 111 -9.97 19.94 11.34
CA GLN C 111 -8.93 20.80 11.92
C GLN C 111 -9.30 21.57 13.17
N HIS C 112 -10.32 21.10 13.92
CA HIS C 112 -10.75 21.76 15.16
C HIS C 112 -10.52 20.68 16.24
N ILE C 113 -9.49 20.91 17.06
CA ILE C 113 -9.04 19.93 18.07
C ILE C 113 -9.22 20.44 19.48
N GLY C 114 -9.74 19.56 20.34
CA GLY C 114 -9.87 19.95 21.71
C GLY C 114 -8.81 19.26 22.57
N VAL C 115 -8.49 19.89 23.69
CA VAL C 115 -7.50 19.32 24.61
C VAL C 115 -7.98 19.49 26.04
N ILE C 116 -7.99 18.40 26.82
CA ILE C 116 -8.29 18.56 28.24
C ILE C 116 -7.08 18.06 29.08
N GLY C 117 -6.90 18.64 30.26
CA GLY C 117 -5.80 18.26 31.13
C GLY C 117 -5.87 19.03 32.41
N THR C 118 -4.81 18.93 33.23
CA THR C 118 -4.74 19.62 34.48
C THR C 118 -4.56 21.12 34.26
N GLU C 119 -4.79 21.87 35.33
CA GLU C 119 -4.59 23.32 35.25
C GLU C 119 -3.18 23.64 34.70
N ASN C 120 -2.13 23.03 35.25
CA ASN C 120 -0.79 23.31 34.74
C ASN C 120 -0.63 22.91 33.26
N THR C 121 -1.17 21.76 32.85
CA THR C 121 -0.99 21.37 31.46
C THR C 121 -1.61 22.37 30.52
N ILE C 122 -2.81 22.79 30.86
CA ILE C 122 -3.51 23.73 29.98
C ILE C 122 -2.88 25.12 30.00
N LYS C 123 -2.53 25.61 31.18
CA LYS C 123 -1.93 26.94 31.32
C LYS C 123 -0.57 27.07 30.58
N SER C 124 0.13 25.96 30.43
CA SER C 124 1.46 26.00 29.79
C SER C 124 1.30 26.25 28.31
N ASN C 125 0.10 25.98 27.78
CA ASN C 125 -0.14 26.13 26.35
C ASN C 125 0.69 25.14 25.53
N ALA C 126 1.29 24.11 26.15
CA ALA C 126 2.13 23.19 25.36
C ALA C 126 1.43 22.48 24.19
N TYR C 127 0.18 22.04 24.40
CA TYR C 127 -0.51 21.38 23.34
C TYR C 127 -0.77 22.28 22.15
N GLU C 128 -1.26 23.49 22.43
CA GLU C 128 -1.57 24.38 21.32
C GLU C 128 -0.28 24.70 20.56
N GLU C 129 0.83 24.86 21.28
CA GLU C 129 2.12 25.16 20.60
C GLU C 129 2.56 24.00 19.75
N ALA C 130 2.46 22.79 20.28
CA ALA C 130 2.84 21.59 19.54
C ALA C 130 2.02 21.42 18.29
N LEU C 131 0.71 21.62 18.42
CA LEU C 131 -0.19 21.47 17.31
C LEU C 131 0.05 22.51 16.22
N LEU C 132 0.17 23.77 16.60
CA LEU C 132 0.31 24.79 15.54
C LEU C 132 1.64 24.73 14.85
N ALA C 133 2.62 24.20 15.55
CA ALA C 133 3.95 24.02 14.99
C ALA C 133 3.85 23.05 13.80
N LEU C 134 2.92 22.08 13.89
CA LEU C 134 2.77 21.09 12.81
C LEU C 134 1.80 21.56 11.69
N ASN C 135 0.68 22.15 12.10
CA ASN C 135 -0.32 22.67 11.13
C ASN C 135 -0.78 24.01 11.71
N PRO C 136 -0.36 25.11 11.09
CA PRO C 136 -0.75 26.43 11.59
C PRO C 136 -2.22 26.79 11.41
N ASP C 137 -2.95 26.00 10.65
CA ASP C 137 -4.34 26.36 10.41
C ASP C 137 -5.31 25.67 11.32
N LEU C 138 -4.80 24.95 12.31
CA LEU C 138 -5.73 24.28 13.23
C LEU C 138 -6.39 25.30 14.17
N LYS C 139 -7.54 24.91 14.73
CA LYS C 139 -8.20 25.73 15.72
C LYS C 139 -8.14 24.81 16.98
N VAL C 140 -7.59 25.28 18.08
CA VAL C 140 -7.45 24.41 19.28
C VAL C 140 -8.35 24.93 20.42
N GLU C 141 -9.11 24.05 21.08
CA GLU C 141 -9.97 24.50 22.21
C GLU C 141 -9.33 23.82 23.42
N ASN C 142 -8.94 24.60 24.41
CA ASN C 142 -8.26 24.11 25.62
C ASN C 142 -9.18 24.18 26.81
N LEU C 143 -9.19 23.13 27.65
CA LEU C 143 -10.08 23.16 28.82
C LEU C 143 -9.43 22.38 29.94
N ALA C 144 -9.19 23.08 31.05
CA ALA C 144 -8.64 22.45 32.27
C ALA C 144 -9.85 21.71 32.92
N CYS C 145 -9.63 20.49 33.45
CA CYS C 145 -10.73 19.68 34.03
C CYS C 145 -10.31 19.15 35.39
N PRO C 146 -10.28 20.01 36.39
CA PRO C 146 -9.85 19.62 37.73
C PRO C 146 -10.62 18.55 38.49
N LEU C 147 -11.83 18.25 38.08
CA LEU C 147 -12.55 17.19 38.81
C LEU C 147 -12.16 15.76 38.38
N LEU C 148 -11.52 15.62 37.22
CA LEU C 148 -11.27 14.28 36.72
C LEU C 148 -10.18 13.47 37.45
N VAL C 149 -9.01 14.05 37.72
CA VAL C 149 -7.98 13.26 38.42
C VAL C 149 -8.54 12.79 39.75
N PRO C 150 -9.10 13.70 40.54
CA PRO C 150 -9.64 13.19 41.83
C PRO C 150 -10.71 12.12 41.65
N PHE C 151 -11.57 12.27 40.64
CA PHE C 151 -12.60 11.27 40.45
C PHE C 151 -11.98 9.91 40.13
N VAL C 152 -10.96 9.93 39.30
CA VAL C 152 -10.35 8.65 38.98
C VAL C 152 -9.64 8.06 40.19
N GLU C 153 -9.02 8.92 40.99
CA GLU C 153 -8.27 8.41 42.18
C GLU C 153 -9.19 7.91 43.30
N SER C 154 -10.29 8.64 43.52
CA SER C 154 -11.16 8.30 44.66
C SER C 154 -12.66 8.38 44.46
N GLY C 155 -13.10 8.57 43.24
CA GLY C 155 -14.53 8.64 42.96
C GLY C 155 -15.31 7.39 43.41
N LYS C 156 -14.60 6.27 43.51
CA LYS C 156 -15.20 4.99 43.91
C LYS C 156 -15.76 5.02 45.33
N PHE C 157 -15.41 6.07 46.09
CA PHE C 157 -15.90 6.18 47.48
C PHE C 157 -17.02 7.20 47.53
N LEU C 158 -17.23 7.88 46.41
CA LEU C 158 -18.23 8.92 46.39
C LEU C 158 -19.42 8.61 45.49
N ASP C 159 -20.34 9.55 45.45
CA ASP C 159 -21.62 9.32 44.82
C ASP C 159 -21.86 9.84 43.42
N GLN C 160 -20.92 10.60 42.89
CA GLN C 160 -21.14 11.08 41.51
C GLN C 160 -20.79 9.95 40.56
N THR C 161 -21.57 9.79 39.50
CA THR C 161 -21.30 8.74 38.53
C THR C 161 -20.26 9.29 37.54
N ALA C 162 -19.62 8.39 36.82
CA ALA C 162 -18.65 8.81 35.80
C ALA C 162 -19.35 9.70 34.77
N ASP C 163 -20.57 9.32 34.41
CA ASP C 163 -21.30 10.13 33.42
C ASP C 163 -21.51 11.54 33.93
N GLU C 164 -21.91 11.68 35.20
CA GLU C 164 -22.12 12.99 35.80
C GLU C 164 -20.86 13.85 35.83
N ILE C 165 -19.75 13.25 36.24
CA ILE C 165 -18.53 13.99 36.39
C ILE C 165 -17.97 14.39 35.01
N VAL C 166 -18.11 13.51 34.04
CA VAL C 166 -17.67 13.86 32.65
C VAL C 166 -18.53 15.03 32.08
N LYS C 167 -19.85 14.97 32.28
CA LYS C 167 -20.68 16.07 31.79
C LYS C 167 -20.34 17.38 32.48
N THR C 168 -20.18 17.37 33.81
CA THR C 168 -19.85 18.59 34.50
C THR C 168 -18.52 19.16 34.02
N SER C 169 -17.61 18.25 33.69
CA SER C 169 -16.27 18.68 33.28
C SER C 169 -16.15 19.11 31.82
N LEU C 170 -16.84 18.43 30.94
CA LEU C 170 -16.64 18.65 29.49
C LEU C 170 -17.67 19.49 28.77
N TYR C 171 -18.72 19.90 29.46
CA TYR C 171 -19.75 20.64 28.73
C TYR C 171 -19.25 21.82 27.88
N PRO C 172 -18.16 22.51 28.27
CA PRO C 172 -17.78 23.61 27.40
C PRO C 172 -17.25 23.14 26.06
N LEU C 173 -16.63 21.96 26.04
CA LEU C 173 -16.10 21.42 24.78
C LEU C 173 -17.20 20.71 24.03
N LYS C 174 -18.20 20.18 24.74
CA LYS C 174 -19.30 19.57 24.04
C LYS C 174 -19.92 20.68 23.18
N ASP C 175 -19.85 21.93 23.64
CA ASP C 175 -20.44 22.99 22.82
C ASP C 175 -19.39 23.66 21.93
N THR C 176 -18.65 22.83 21.19
CA THR C 176 -17.68 23.32 20.21
C THR C 176 -17.75 22.35 19.06
N SER C 177 -17.17 22.73 17.92
CA SER C 177 -17.27 21.84 16.80
C SER C 177 -16.01 20.99 16.66
N ILE C 178 -15.33 20.69 17.75
CA ILE C 178 -14.13 19.86 17.60
C ILE C 178 -14.46 18.47 17.07
N ASP C 179 -13.55 17.85 16.32
CA ASP C 179 -13.80 16.48 15.89
C ASP C 179 -12.80 15.49 16.47
N SER C 180 -11.91 16.01 17.31
CA SER C 180 -10.86 15.21 17.92
C SER C 180 -10.65 15.78 19.31
N LEU C 181 -10.44 14.87 20.27
CA LEU C 181 -10.18 15.26 21.64
C LEU C 181 -8.98 14.55 22.21
N ILE C 182 -7.99 15.34 22.62
CA ILE C 182 -6.79 14.74 23.24
C ILE C 182 -6.98 14.62 24.76
N LEU C 183 -6.85 13.41 25.27
CA LEU C 183 -6.95 13.19 26.73
C LEU C 183 -5.55 13.55 27.25
N GLY C 184 -5.31 14.82 27.58
CA GLY C 184 -4.00 15.29 27.96
C GLY C 184 -3.65 15.16 29.43
N CYS C 185 -3.93 13.97 29.93
CA CYS C 185 -3.67 13.64 31.35
C CYS C 185 -3.62 12.12 31.49
N THR C 186 -2.74 11.62 32.36
CA THR C 186 -2.60 10.18 32.51
C THR C 186 -3.86 9.45 32.95
N HIS C 187 -4.64 10.15 33.74
CA HIS C 187 -5.80 9.50 34.34
C HIS C 187 -6.98 9.37 33.45
N TYR C 188 -7.04 10.19 32.40
CA TYR C 188 -8.25 10.20 31.62
C TYR C 188 -8.65 8.97 30.85
N PRO C 189 -7.67 8.11 30.42
CA PRO C 189 -8.11 6.93 29.69
C PRO C 189 -9.04 6.00 30.51
N ILE C 190 -8.92 6.08 31.83
CA ILE C 190 -9.77 5.27 32.72
C ILE C 190 -11.24 5.63 32.45
N LEU C 191 -11.49 6.87 32.01
CA LEU C 191 -12.88 7.34 31.71
C LEU C 191 -13.16 7.45 30.21
N LYS C 192 -12.34 6.79 29.40
CA LYS C 192 -12.55 6.95 27.95
C LYS C 192 -13.95 6.62 27.44
N GLU C 193 -14.59 5.57 27.96
CA GLU C 193 -15.92 5.21 27.44
C GLU C 193 -16.96 6.25 27.81
N ALA C 194 -16.91 6.76 29.04
CA ALA C 194 -17.87 7.77 29.47
C ALA C 194 -17.63 9.05 28.67
N ILE C 195 -16.37 9.33 28.35
CA ILE C 195 -16.08 10.57 27.58
C ILE C 195 -16.58 10.41 26.16
N GLN C 196 -16.33 9.23 25.61
CA GLN C 196 -16.80 8.96 24.25
C GLN C 196 -18.34 9.05 24.20
N ARG C 197 -19.04 8.49 25.19
CA ARG C 197 -20.50 8.52 25.15
C ARG C 197 -21.01 9.93 25.23
N TYR C 198 -20.42 10.73 26.09
CA TYR C 198 -20.87 12.10 26.24
C TYR C 198 -20.57 12.97 25.02
N MET C 199 -19.35 12.90 24.52
CA MET C 199 -18.99 13.74 23.35
C MET C 199 -19.62 13.30 22.03
N GLY C 200 -19.88 12.01 21.88
CA GLY C 200 -20.49 11.51 20.67
C GLY C 200 -19.49 10.64 19.92
N GLU C 201 -19.97 9.70 19.12
CA GLU C 201 -19.06 8.87 18.35
C GLU C 201 -18.32 9.67 17.30
N HIS C 202 -18.85 10.81 16.92
CA HIS C 202 -18.12 11.57 15.91
C HIS C 202 -16.80 12.18 16.41
N VAL C 203 -16.55 12.15 17.71
CA VAL C 203 -15.34 12.76 18.20
C VAL C 203 -14.27 11.70 18.40
N ASN C 204 -13.11 11.89 17.77
CA ASN C 204 -12.01 10.91 17.91
C ASN C 204 -11.34 11.16 19.25
N ILE C 205 -11.32 10.16 20.13
CA ILE C 205 -10.71 10.35 21.43
C ILE C 205 -9.28 9.82 21.39
N ILE C 206 -8.35 10.66 21.77
CA ILE C 206 -6.93 10.27 21.66
C ILE C 206 -6.32 10.16 23.05
N SER C 207 -5.86 8.94 23.37
CA SER C 207 -5.22 8.69 24.66
C SER C 207 -3.72 8.91 24.54
N SER C 208 -3.13 9.55 25.53
CA SER C 208 -1.71 9.86 25.48
C SER C 208 -0.82 8.62 25.50
N GLY C 209 -1.18 7.64 26.32
CA GLY C 209 -0.33 6.45 26.41
C GLY C 209 -0.22 5.66 25.15
N ASP C 210 -1.35 5.40 24.48
CA ASP C 210 -1.33 4.59 23.28
C ASP C 210 -0.49 5.31 22.24
N GLU C 211 -0.64 6.62 22.13
CA GLU C 211 0.14 7.32 21.10
C GLU C 211 1.63 7.45 21.45
N THR C 212 1.94 7.63 22.73
CA THR C 212 3.31 7.76 23.16
C THR C 212 4.07 6.43 22.98
N ALA C 213 3.40 5.32 23.22
CA ALA C 213 4.09 4.03 23.04
C ALA C 213 4.48 3.88 21.56
N ARG C 214 3.61 4.31 20.65
CA ARG C 214 3.91 4.22 19.22
C ARG C 214 5.08 5.15 18.86
N GLU C 215 5.11 6.33 19.47
CA GLU C 215 6.20 7.29 19.19
C GLU C 215 7.52 6.74 19.70
N VAL C 216 7.50 6.18 20.89
CA VAL C 216 8.71 5.57 21.49
C VAL C 216 9.20 4.47 20.56
N SER C 217 8.26 3.67 20.05
CA SER C 217 8.62 2.58 19.13
C SER C 217 9.33 3.16 17.91
N THR C 218 8.75 4.20 17.33
CA THR C 218 9.39 4.84 16.16
C THR C 218 10.79 5.36 16.43
N ILE C 219 10.96 6.09 17.53
CA ILE C 219 12.25 6.69 17.86
C ILE C 219 13.28 5.60 18.20
N LEU C 220 12.89 4.57 18.95
CA LEU C 220 13.89 3.51 19.23
C LEU C 220 14.30 2.82 17.94
N SER C 221 13.33 2.63 17.04
CA SER C 221 13.60 2.00 15.75
C SER C 221 14.55 2.88 14.94
N TYR C 222 14.24 4.17 14.84
CA TYR C 222 15.10 5.07 14.05
C TYR C 222 16.52 5.14 14.59
N LYS C 223 16.66 5.15 15.91
CA LYS C 223 17.96 5.22 16.55
C LYS C 223 18.69 3.86 16.70
N GLY C 224 18.08 2.79 16.24
CA GLY C 224 18.68 1.48 16.35
C GLY C 224 18.85 1.06 17.81
N LEU C 225 17.92 1.45 18.69
CA LEU C 225 18.00 1.13 20.12
C LEU C 225 16.98 0.09 20.64
N LEU C 226 16.30 -0.62 19.75
CA LEU C 226 15.30 -1.61 20.17
C LEU C 226 15.90 -2.86 20.82
N ASN C 227 15.29 -3.35 21.91
CA ASN C 227 15.76 -4.59 22.55
C ASN C 227 15.24 -5.71 21.59
N GLN C 228 16.15 -6.47 20.98
CA GLN C 228 15.70 -7.52 20.04
C GLN C 228 15.53 -8.93 20.66
N SER C 229 16.03 -9.09 21.89
CA SER C 229 15.94 -10.39 22.57
C SER C 229 14.52 -10.74 22.90
N PRO C 230 14.14 -12.02 22.72
CA PRO C 230 12.79 -12.50 22.98
C PRO C 230 12.55 -12.91 24.43
N ILE C 231 13.57 -12.85 25.29
CA ILE C 231 13.37 -13.28 26.68
C ILE C 231 12.35 -12.37 27.35
N ALA C 232 11.65 -12.90 28.34
CA ALA C 232 10.64 -12.09 29.04
C ALA C 232 11.30 -10.87 29.70
N PRO C 233 10.77 -9.66 29.42
CA PRO C 233 11.40 -8.49 30.05
C PRO C 233 11.15 -8.38 31.53
N ASP C 234 11.95 -7.54 32.17
CA ASP C 234 11.81 -7.27 33.58
C ASP C 234 11.04 -5.97 33.68
N HIS C 235 10.23 -5.87 34.71
CA HIS C 235 9.45 -4.67 34.95
C HIS C 235 9.55 -4.29 36.41
N GLN C 236 10.05 -3.11 36.69
CA GLN C 236 10.12 -2.65 38.07
C GLN C 236 9.21 -1.47 38.22
N PHE C 237 8.27 -1.56 39.17
CA PHE C 237 7.37 -0.45 39.41
C PHE C 237 7.74 0.09 40.77
N LEU C 238 8.28 1.30 40.75
CA LEU C 238 8.75 1.97 41.97
C LEU C 238 7.83 3.12 42.33
N THR C 239 7.51 3.28 43.62
CA THR C 239 6.68 4.42 44.04
C THR C 239 7.29 5.05 45.27
N THR C 240 7.18 6.39 45.39
CA THR C 240 7.69 7.10 46.55
C THR C 240 6.58 7.06 47.65
N GLY C 241 5.40 6.56 47.28
CA GLY C 241 4.27 6.42 48.21
C GLY C 241 4.31 5.00 48.80
N ALA C 242 3.21 4.54 49.38
CA ALA C 242 3.17 3.22 49.97
C ALA C 242 3.02 2.15 48.91
N ARG C 243 3.70 1.03 49.10
CA ARG C 243 3.63 -0.06 48.15
C ARG C 243 2.24 -0.63 47.91
N ASP C 244 1.53 -0.99 48.99
CA ASP C 244 0.21 -1.58 48.79
C ASP C 244 -0.83 -0.65 48.16
N GLN C 245 -0.74 0.64 48.44
CA GLN C 245 -1.69 1.59 47.88
C GLN C 245 -1.51 1.60 46.34
N PHE C 246 -0.26 1.65 45.90
CA PHE C 246 0.04 1.63 44.48
C PHE C 246 -0.41 0.31 43.84
N ALA C 247 -0.07 -0.84 44.43
CA ALA C 247 -0.52 -2.08 43.80
C ALA C 247 -2.06 -2.15 43.78
N LYS C 248 -2.72 -1.67 44.84
CA LYS C 248 -4.18 -1.72 44.85
C LYS C 248 -4.87 -0.81 43.84
N ILE C 249 -4.58 0.50 43.88
CA ILE C 249 -5.19 1.45 42.94
C ILE C 249 -4.97 0.93 41.53
N ALA C 250 -3.85 0.22 41.36
CA ALA C 250 -3.52 -0.40 40.08
C ALA C 250 -4.65 -1.35 39.78
N ASP C 251 -4.99 -2.17 40.78
CA ASP C 251 -6.06 -3.16 40.67
C ASP C 251 -7.41 -2.49 40.38
N ASP C 252 -7.76 -1.48 41.15
CA ASP C 252 -9.02 -0.78 40.93
C ASP C 252 -9.18 -0.53 39.44
N TRP C 253 -8.21 0.16 38.85
CA TRP C 253 -8.20 0.49 37.43
C TRP C 253 -8.09 -0.71 36.48
N PHE C 254 -7.08 -1.54 36.72
CA PHE C 254 -6.85 -2.70 35.88
C PHE C 254 -7.10 -4.01 36.63
N HIS C 260 5.74 -6.35 39.98
CA HIS C 260 6.74 -6.13 41.02
C HIS C 260 6.76 -4.64 41.45
N VAL C 261 6.06 -4.35 42.54
CA VAL C 261 5.97 -3.00 43.07
C VAL C 261 6.75 -2.82 44.37
N GLU C 262 7.54 -1.75 44.45
CA GLU C 262 8.26 -1.49 45.67
C GLU C 262 8.34 -0.03 45.97
N CYS C 263 8.39 0.26 47.26
CA CYS C 263 8.44 1.62 47.75
C CYS C 263 9.89 2.08 47.76
N ILE C 264 10.17 3.28 47.22
CA ILE C 264 11.53 3.77 47.22
C ILE C 264 11.53 5.13 47.86
N SER C 265 12.72 5.63 48.13
CA SER C 265 12.83 6.91 48.77
C SER C 265 13.79 7.75 47.97
N LEU C 266 13.30 8.86 47.43
CA LEU C 266 14.17 9.73 46.65
C LEU C 266 15.34 10.17 47.55
N GLN C 267 16.52 9.67 47.23
CA GLN C 267 17.73 9.99 47.97
C GLN C 267 18.92 9.99 47.01
N GLU C 268 19.99 10.69 47.40
CA GLU C 268 21.20 10.77 46.59
C GLU C 268 22.05 9.57 46.98
#